data_5ZRU
#
_entry.id   5ZRU
#
_cell.length_a   57.247
_cell.length_b   126.423
_cell.length_c   80.540
_cell.angle_alpha   90.00
_cell.angle_beta   97.83
_cell.angle_gamma   90.00
#
_symmetry.space_group_name_H-M   'P 1 21 1'
#
loop_
_entity.id
_entity.type
_entity.pdbx_description
1 polymer Alpha-1,3-glucanase
2 non-polymer 3,6,9,12,15,18,21,24-OCTAOXAHEXACOSAN-1-OL
3 non-polymer 'SULFATE ION'
4 non-polymer 'ZINC ION'
5 non-polymer 'CALCIUM ION'
6 water water
#
_entity_poly.entity_id   1
_entity_poly.type   'polypeptide(L)'
_entity_poly.pdbx_seq_one_letter_code
;MSHMNLVVYAQRGASMPYTRYDTDDAARGGGATLQSAPNFDQALTASEASGQRYIALPSNGSYAQWTIRPGEGGDGVTMR
FTMPDSANGMGLNGSLDVYVNGVKAKTVPLTSYYSWQYFSSDHPADTPAGGRPLFRFDEVHWKMDTPLQPGDTIRIQKSG
ADSLEYGVDFLEIEAVPAAIARPANSVSVTDFGAVANDGQDDLAAFEAAVNAAVTSGKILYIPAGTFHLGNMWKIGSVAN
KINNITIMGAGIWHTNIQFTNPNQASGGISFRVTGQLDFSHIYMNSNLRSRYGEQAVYKGFMDNFGTNSKVHNVWVEHFE
CGFWVGDYAHTPAIIANGLVIENSRIRNNLADGVNFAQGTSNSTVRNSSIRNNGDDGLAVWTSNVNGAPAGVNNTFSYNT
IENNWRAAGIAFFGGSGHKATHNLIVDTVGGSAIRMNTVFPGYHFQNNTGIVFSDTTIINSGTSRDLYNGERGAIDLEAS
NDPIKNVTFTNIDIINTQRSAIQFGYGGGFENIVFNNININGAGKDGVLTSRFSSPHPGAAIYTYTGNGSATFNNLTTND
IAHPNLYFIQNGFNLTIQ
;
_entity_poly.pdbx_strand_id   A,C
#
# COMPACT_ATOMS: atom_id res chain seq x y z
N HIS A 3 -18.29 13.99 28.16
CA HIS A 3 -18.52 12.55 28.16
C HIS A 3 -18.12 11.91 26.84
N MET A 4 -17.80 10.62 26.88
CA MET A 4 -17.42 9.87 25.70
C MET A 4 -18.60 9.01 25.26
N ASN A 5 -18.92 9.05 23.97
CA ASN A 5 -20.03 8.27 23.42
C ASN A 5 -19.44 7.01 22.80
N LEU A 6 -19.33 5.97 23.62
CA LEU A 6 -18.44 4.85 23.33
C LEU A 6 -19.00 3.93 22.25
N VAL A 7 -18.17 3.62 21.26
CA VAL A 7 -18.43 2.59 20.27
C VAL A 7 -17.10 1.89 20.01
N VAL A 8 -17.12 0.56 19.96
CA VAL A 8 -15.93 -0.17 19.52
C VAL A 8 -15.84 0.00 18.00
N TYR A 9 -14.81 0.70 17.54
CA TYR A 9 -14.74 1.03 16.12
C TYR A 9 -14.42 -0.18 15.26
N ALA A 10 -14.94 -0.14 14.04
CA ALA A 10 -14.54 -1.11 13.03
C ALA A 10 -13.11 -0.82 12.58
N GLN A 11 -12.53 -1.79 11.87
CA GLN A 11 -11.21 -1.58 11.30
C GLN A 11 -11.24 -0.45 10.26
N ARG A 12 -12.23 -0.46 9.37
CA ARG A 12 -12.48 0.65 8.45
C ARG A 12 -13.99 0.85 8.37
N GLY A 13 -14.40 2.11 8.22
CA GLY A 13 -15.81 2.44 8.19
C GLY A 13 -16.40 2.61 9.57
N ALA A 14 -17.68 2.93 9.59
CA ALA A 14 -18.42 3.17 10.82
C ALA A 14 -18.91 1.85 11.42
N SER A 15 -19.10 1.87 12.74
CA SER A 15 -19.66 0.72 13.47
C SER A 15 -21.07 1.11 13.90
N MET A 16 -22.07 0.48 13.29
CA MET A 16 -23.46 0.83 13.46
C MET A 16 -24.23 -0.39 13.94
N PRO A 17 -25.36 -0.19 14.63
CA PRO A 17 -26.10 -1.33 15.18
C PRO A 17 -26.95 -2.07 14.16
N TYR A 18 -27.05 -1.58 12.93
CA TYR A 18 -27.85 -2.27 11.92
C TYR A 18 -26.99 -3.23 11.11
N THR A 19 -27.66 -4.21 10.51
CA THR A 19 -27.06 -5.04 9.48
C THR A 19 -27.87 -4.84 8.20
N ARG A 20 -27.23 -5.10 7.08
CA ARG A 20 -27.87 -4.83 5.80
C ARG A 20 -28.44 -6.09 5.17
N TYR A 21 -29.66 -5.96 4.66
CA TYR A 21 -30.31 -6.96 3.82
C TYR A 21 -30.40 -6.35 2.43
N ASP A 22 -29.47 -6.72 1.54
CA ASP A 22 -29.31 -6.02 0.28
C ASP A 22 -29.97 -6.79 -0.86
N THR A 23 -29.77 -6.27 -2.07
CA THR A 23 -30.58 -6.68 -3.22
C THR A 23 -30.48 -8.17 -3.47
N ASP A 24 -29.26 -8.72 -3.47
CA ASP A 24 -29.09 -10.12 -3.82
C ASP A 24 -29.47 -11.08 -2.70
N ASP A 25 -29.62 -10.59 -1.47
CA ASP A 25 -30.14 -11.41 -0.37
C ASP A 25 -31.64 -11.66 -0.48
N ALA A 26 -32.35 -10.95 -1.35
CA ALA A 26 -33.80 -11.00 -1.37
C ALA A 26 -34.31 -12.04 -2.36
N ALA A 27 -35.37 -12.72 -1.96
CA ALA A 27 -36.22 -13.41 -2.92
C ALA A 27 -37.17 -12.42 -3.57
N ARG A 28 -37.35 -12.56 -4.89
CA ARG A 28 -38.21 -11.70 -5.68
C ARG A 28 -39.43 -12.46 -6.16
N GLY A 29 -40.59 -11.82 -6.18
CA GLY A 29 -41.73 -12.52 -6.73
C GLY A 29 -42.85 -11.60 -7.14
N GLY A 30 -43.90 -12.22 -7.68
CA GLY A 30 -45.12 -11.51 -7.99
C GLY A 30 -45.00 -10.47 -9.08
N GLY A 31 -43.93 -10.49 -9.87
CA GLY A 31 -43.68 -9.48 -10.86
C GLY A 31 -42.44 -8.63 -10.61
N ALA A 32 -41.78 -8.80 -9.46
CA ALA A 32 -40.57 -8.05 -9.18
C ALA A 32 -39.46 -8.47 -10.13
N THR A 33 -38.60 -7.52 -10.50
CA THR A 33 -37.46 -7.80 -11.38
C THR A 33 -36.19 -7.21 -10.82
N LEU A 34 -35.06 -7.78 -11.23
CA LEU A 34 -33.75 -7.24 -10.88
C LEU A 34 -33.35 -6.20 -11.92
N GLN A 35 -33.06 -4.98 -11.47
CA GLN A 35 -32.62 -3.91 -12.35
C GLN A 35 -31.15 -3.64 -12.05
N SER A 36 -30.34 -3.55 -13.09
CA SER A 36 -28.90 -3.40 -12.86
C SER A 36 -28.29 -2.45 -13.88
N ALA A 37 -27.19 -1.83 -13.48
CA ALA A 37 -26.44 -0.90 -14.33
C ALA A 37 -24.96 -1.24 -14.20
N PRO A 38 -24.57 -2.42 -14.68
CA PRO A 38 -23.18 -2.86 -14.46
C PRO A 38 -22.13 -1.99 -15.14
N ASN A 39 -22.51 -1.19 -16.14
CA ASN A 39 -21.57 -0.27 -16.77
C ASN A 39 -21.64 1.13 -16.19
N PHE A 40 -22.37 1.32 -15.09
CA PHE A 40 -22.46 2.60 -14.37
C PHE A 40 -23.14 3.69 -15.19
N ASP A 41 -23.96 3.32 -16.17
CA ASP A 41 -24.60 4.29 -17.05
C ASP A 41 -25.63 5.11 -16.26
N GLN A 42 -25.39 6.42 -16.16
CA GLN A 42 -26.23 7.24 -15.27
C GLN A 42 -27.60 7.53 -15.85
N ALA A 43 -27.86 7.14 -17.10
CA ALA A 43 -29.22 7.19 -17.60
C ALA A 43 -30.12 6.20 -16.88
N LEU A 44 -29.55 5.16 -16.27
CA LEU A 44 -30.32 4.10 -15.62
C LEU A 44 -30.46 4.39 -14.13
N THR A 45 -31.70 4.27 -13.63
CA THR A 45 -31.93 4.44 -12.20
C THR A 45 -31.02 3.55 -11.37
N ALA A 46 -30.72 2.35 -11.88
CA ALA A 46 -29.90 1.42 -11.12
C ALA A 46 -28.47 1.90 -10.90
N SER A 47 -28.00 2.91 -11.67
CA SER A 47 -26.66 3.45 -11.42
C SER A 47 -26.53 4.05 -10.03
N GLU A 48 -27.64 4.43 -9.39
CA GLU A 48 -27.61 4.97 -8.04
C GLU A 48 -28.02 3.96 -6.97
N ALA A 49 -28.29 2.72 -7.33
CA ALA A 49 -28.53 1.69 -6.33
C ALA A 49 -27.20 1.15 -5.79
N SER A 50 -27.21 0.69 -4.53
CA SER A 50 -26.00 0.06 -4.01
C SER A 50 -25.65 -1.14 -4.89
N GLY A 51 -24.38 -1.27 -5.22
CA GLY A 51 -23.94 -2.33 -6.11
C GLY A 51 -24.53 -2.24 -7.51
N GLN A 52 -25.11 -1.08 -7.85
CA GLN A 52 -25.73 -0.84 -9.15
C GLN A 52 -26.80 -1.88 -9.47
N ARG A 53 -27.53 -2.31 -8.44
CA ARG A 53 -28.57 -3.33 -8.57
C ARG A 53 -29.67 -3.03 -7.57
N TYR A 54 -30.94 -3.13 -7.99
CA TYR A 54 -32.04 -3.03 -7.06
C TYR A 54 -33.20 -3.87 -7.57
N ILE A 55 -34.22 -4.03 -6.73
CA ILE A 55 -35.41 -4.80 -7.09
C ILE A 55 -36.51 -3.83 -7.46
N ALA A 56 -37.00 -3.94 -8.69
CA ALA A 56 -38.15 -3.15 -9.13
C ALA A 56 -39.43 -3.88 -8.75
N LEU A 57 -40.39 -3.11 -8.20
CA LEU A 57 -41.74 -3.56 -7.89
C LEU A 57 -42.71 -2.83 -8.81
N PRO A 58 -42.88 -3.30 -10.05
CA PRO A 58 -43.63 -2.50 -11.03
C PRO A 58 -45.14 -2.59 -10.88
N SER A 59 -45.66 -3.62 -10.23
CA SER A 59 -47.08 -3.91 -10.30
C SER A 59 -47.54 -4.49 -8.98
N ASN A 60 -48.84 -4.35 -8.72
CA ASN A 60 -49.55 -4.96 -7.61
C ASN A 60 -49.12 -6.41 -7.42
N GLY A 61 -48.63 -6.73 -6.23
CA GLY A 61 -48.18 -8.07 -5.89
C GLY A 61 -46.69 -8.31 -6.01
N SER A 62 -45.96 -7.43 -6.70
CA SER A 62 -44.52 -7.55 -6.77
C SER A 62 -43.90 -7.35 -5.40
N TYR A 63 -42.92 -8.18 -5.06
CA TYR A 63 -42.35 -8.06 -3.73
C TYR A 63 -40.87 -8.44 -3.73
N ALA A 64 -40.17 -7.93 -2.72
CA ALA A 64 -38.86 -8.39 -2.30
C ALA A 64 -38.97 -8.86 -0.86
N GLN A 65 -38.35 -10.00 -0.56
CA GLN A 65 -38.51 -10.62 0.75
C GLN A 65 -37.16 -11.10 1.25
N TRP A 66 -36.89 -10.86 2.53
CA TRP A 66 -35.66 -11.29 3.18
C TRP A 66 -35.98 -12.18 4.37
N THR A 67 -35.05 -13.08 4.68
CA THR A 67 -35.13 -13.88 5.90
C THR A 67 -34.05 -13.42 6.87
N ILE A 68 -34.47 -13.09 8.10
CA ILE A 68 -33.54 -12.58 9.10
C ILE A 68 -32.49 -13.65 9.40
N ARG A 69 -31.23 -13.24 9.43
CA ARG A 69 -30.11 -14.15 9.64
C ARG A 69 -29.95 -14.51 11.12
N PRO A 70 -29.26 -15.63 11.41
CA PRO A 70 -28.91 -15.94 12.80
C PRO A 70 -28.19 -14.77 13.47
N GLY A 71 -28.56 -14.51 14.72
CA GLY A 71 -27.94 -13.45 15.48
C GLY A 71 -28.30 -12.04 15.07
N GLU A 72 -29.23 -11.86 14.13
CA GLU A 72 -29.62 -10.54 13.65
C GLU A 72 -31.10 -10.30 13.94
N GLY A 73 -31.60 -9.16 13.47
CA GLY A 73 -33.00 -8.81 13.67
C GLY A 73 -33.18 -7.47 14.35
N GLY A 74 -34.35 -7.24 14.95
CA GLY A 74 -34.65 -6.00 15.64
C GLY A 74 -35.95 -5.40 15.16
N ASP A 75 -36.33 -4.30 15.80
CA ASP A 75 -37.59 -3.63 15.47
C ASP A 75 -37.40 -2.34 14.69
N GLY A 76 -36.17 -1.89 14.44
CA GLY A 76 -35.94 -0.69 13.65
C GLY A 76 -35.55 -1.05 12.22
N VAL A 77 -36.33 -0.58 11.26
CA VAL A 77 -36.10 -0.88 9.85
C VAL A 77 -35.90 0.42 9.08
N THR A 78 -34.84 0.48 8.29
CA THR A 78 -34.62 1.55 7.33
C THR A 78 -34.66 0.93 5.94
N MET A 79 -35.30 1.63 4.99
CA MET A 79 -35.41 1.13 3.62
C MET A 79 -34.89 2.20 2.67
N ARG A 80 -33.99 1.81 1.78
CA ARG A 80 -33.57 2.67 0.68
C ARG A 80 -34.36 2.27 -0.56
N PHE A 81 -35.06 3.23 -1.16
CA PHE A 81 -36.07 2.95 -2.17
C PHE A 81 -36.01 4.03 -3.24
N THR A 82 -36.70 3.78 -4.36
CA THR A 82 -36.93 4.80 -5.38
C THR A 82 -38.40 4.74 -5.82
N MET A 83 -38.93 5.89 -6.22
CA MET A 83 -40.24 5.97 -6.83
C MET A 83 -40.25 7.18 -7.77
N PRO A 84 -41.19 7.23 -8.72
CA PRO A 84 -41.12 8.29 -9.74
C PRO A 84 -41.37 9.68 -9.17
N ASP A 85 -40.79 10.67 -9.83
CA ASP A 85 -41.13 12.07 -9.64
C ASP A 85 -42.41 12.40 -10.39
N SER A 86 -43.01 13.54 -10.05
CA SER A 86 -44.13 14.05 -10.82
C SER A 86 -43.61 14.85 -12.00
N ALA A 87 -44.51 15.15 -12.95
CA ALA A 87 -44.10 15.94 -14.11
C ALA A 87 -43.69 17.35 -13.71
N ASN A 88 -44.31 17.93 -12.69
CA ASN A 88 -43.94 19.27 -12.27
C ASN A 88 -42.83 19.27 -11.22
N GLY A 89 -42.21 18.12 -10.96
CA GLY A 89 -41.09 18.12 -10.03
C GLY A 89 -41.44 18.30 -8.57
N MET A 90 -42.72 18.32 -8.22
CA MET A 90 -43.09 18.43 -6.81
C MET A 90 -43.05 17.10 -6.09
N GLY A 91 -42.95 16.00 -6.82
CA GLY A 91 -42.94 14.67 -6.22
C GLY A 91 -44.34 14.05 -6.19
N LEU A 92 -44.35 12.76 -5.91
CA LEU A 92 -45.58 11.99 -5.79
C LEU A 92 -45.62 11.33 -4.43
N ASN A 93 -46.82 11.12 -3.90
CA ASN A 93 -47.01 10.39 -2.66
C ASN A 93 -47.54 9.00 -2.95
N GLY A 94 -47.04 8.03 -2.21
CA GLY A 94 -47.39 6.63 -2.44
C GLY A 94 -47.14 5.84 -1.18
N SER A 95 -46.85 4.55 -1.35
CA SER A 95 -46.70 3.67 -0.20
C SER A 95 -46.19 2.31 -0.66
N LEU A 96 -45.66 1.56 0.29
CA LEU A 96 -45.41 0.13 0.12
C LEU A 96 -45.86 -0.58 1.39
N ASP A 97 -46.24 -1.86 1.24
CA ASP A 97 -46.73 -2.67 2.34
C ASP A 97 -45.63 -3.55 2.90
N VAL A 98 -45.68 -3.81 4.20
CA VAL A 98 -44.72 -4.65 4.90
C VAL A 98 -45.45 -5.84 5.49
N TYR A 99 -44.96 -7.04 5.20
CA TYR A 99 -45.48 -8.28 5.77
C TYR A 99 -44.38 -8.96 6.56
N VAL A 100 -44.74 -9.54 7.70
CA VAL A 100 -43.82 -10.37 8.47
C VAL A 100 -44.41 -11.76 8.58
N ASN A 101 -43.70 -12.75 8.07
CA ASN A 101 -44.17 -14.13 8.07
C ASN A 101 -45.58 -14.23 7.48
N GLY A 102 -45.83 -13.40 6.46
CA GLY A 102 -47.08 -13.40 5.74
C GLY A 102 -48.18 -12.53 6.34
N VAL A 103 -47.97 -11.98 7.53
CA VAL A 103 -48.97 -11.14 8.18
C VAL A 103 -48.68 -9.69 7.84
N LYS A 104 -49.70 -8.96 7.38
CA LYS A 104 -49.53 -7.55 7.05
C LYS A 104 -49.25 -6.75 8.32
N ALA A 105 -48.12 -6.04 8.33
CA ALA A 105 -47.67 -5.33 9.51
C ALA A 105 -47.83 -3.83 9.39
N LYS A 106 -47.56 -3.27 8.22
CA LYS A 106 -47.56 -1.81 8.05
C LYS A 106 -47.86 -1.51 6.60
N THR A 107 -48.50 -0.38 6.37
CA THR A 107 -48.37 0.32 5.10
C THR A 107 -47.49 1.53 5.36
N VAL A 108 -46.36 1.60 4.69
CA VAL A 108 -45.36 2.64 4.92
C VAL A 108 -45.57 3.74 3.88
N PRO A 109 -45.94 4.95 4.29
CA PRO A 109 -46.06 6.04 3.31
C PRO A 109 -44.69 6.41 2.75
N LEU A 110 -44.69 6.78 1.47
CA LEU A 110 -43.50 7.10 0.70
C LEU A 110 -43.75 8.35 -0.13
N THR A 111 -42.67 9.07 -0.45
CA THR A 111 -42.81 10.24 -1.32
C THR A 111 -41.52 10.42 -2.10
N SER A 112 -41.65 11.00 -3.30
CA SER A 112 -40.48 11.47 -4.05
C SER A 112 -40.27 12.96 -3.91
N TYR A 113 -40.99 13.60 -2.97
CA TYR A 113 -40.87 15.03 -2.72
C TYR A 113 -39.43 15.47 -2.48
N TYR A 114 -38.72 14.76 -1.59
CA TYR A 114 -37.38 15.18 -1.20
C TYR A 114 -36.36 14.96 -2.29
N SER A 115 -36.47 13.84 -3.00
CA SER A 115 -35.46 13.36 -3.91
C SER A 115 -35.70 13.94 -5.30
N TRP A 116 -34.89 13.49 -6.27
CA TRP A 116 -34.91 13.87 -7.68
C TRP A 116 -34.44 15.31 -7.91
N GLN A 117 -33.24 15.41 -8.50
CA GLN A 117 -32.61 16.66 -8.92
C GLN A 117 -32.10 16.47 -10.34
N TYR A 118 -32.16 17.53 -11.15
CA TYR A 118 -31.99 17.39 -12.59
C TYR A 118 -30.88 18.30 -13.11
N PHE A 119 -30.04 17.76 -13.99
CA PHE A 119 -28.80 18.43 -14.37
C PHE A 119 -28.68 18.60 -15.88
N SER A 120 -28.67 19.86 -16.32
CA SER A 120 -28.21 20.23 -17.66
C SER A 120 -26.95 21.09 -17.59
N SER A 121 -26.46 21.33 -16.39
CA SER A 121 -25.23 22.05 -16.11
C SER A 121 -24.72 21.55 -14.77
N ASP A 122 -23.77 22.26 -14.18
CA ASP A 122 -23.32 21.92 -12.84
C ASP A 122 -24.21 22.50 -11.75
N HIS A 123 -25.35 23.06 -12.09
CA HIS A 123 -26.30 23.50 -11.09
C HIS A 123 -27.57 22.68 -11.22
N PRO A 124 -28.12 22.16 -10.12
CA PRO A 124 -29.34 21.36 -10.22
C PRO A 124 -30.56 22.20 -10.56
N ALA A 125 -31.51 21.57 -11.25
CA ALA A 125 -32.84 22.09 -11.47
C ALA A 125 -33.84 21.22 -10.74
N ASP A 126 -35.02 21.79 -10.45
CA ASP A 126 -35.96 21.17 -9.53
C ASP A 126 -37.09 20.42 -10.22
N THR A 127 -37.16 20.44 -11.55
CA THR A 127 -38.20 19.76 -12.30
C THR A 127 -37.58 18.96 -13.44
N PRO A 128 -38.28 17.91 -13.91
CA PRO A 128 -37.70 17.06 -14.95
C PRO A 128 -37.37 17.79 -16.24
N ALA A 129 -38.01 18.92 -16.51
CA ALA A 129 -37.65 19.69 -17.70
C ALA A 129 -36.24 20.27 -17.62
N GLY A 130 -35.61 20.22 -16.45
CA GLY A 130 -34.32 20.85 -16.24
C GLY A 130 -33.08 20.03 -16.51
N GLY A 131 -33.20 18.76 -16.91
CA GLY A 131 -32.02 17.99 -17.25
C GLY A 131 -32.17 16.52 -16.86
N ARG A 132 -31.02 15.83 -16.80
CA ARG A 132 -31.01 14.40 -16.47
C ARG A 132 -31.07 14.18 -14.96
N PRO A 133 -31.70 13.09 -14.51
CA PRO A 133 -31.96 12.93 -13.08
C PRO A 133 -30.80 12.30 -12.32
N LEU A 134 -30.60 12.82 -11.09
CA LEU A 134 -29.84 12.17 -10.03
C LEU A 134 -30.67 12.30 -8.75
N PHE A 135 -30.13 11.79 -7.63
CA PHE A 135 -30.91 11.72 -6.37
C PHE A 135 -32.18 10.90 -6.59
N ARG A 136 -32.07 9.78 -7.31
CA ARG A 136 -33.25 8.99 -7.58
C ARG A 136 -33.67 8.10 -6.41
N PHE A 137 -32.78 7.87 -5.44
CA PHE A 137 -33.10 7.06 -4.27
C PHE A 137 -33.25 7.93 -3.02
N ASP A 138 -34.00 7.40 -2.06
CA ASP A 138 -34.26 8.06 -0.79
C ASP A 138 -34.43 6.98 0.27
N GLU A 139 -34.64 7.40 1.51
CA GLU A 139 -34.82 6.43 2.60
C GLU A 139 -36.04 6.80 3.42
N VAL A 140 -36.62 5.78 4.06
CA VAL A 140 -37.60 5.95 5.14
C VAL A 140 -37.21 4.96 6.22
N HIS A 141 -37.71 5.19 7.44
CA HIS A 141 -37.51 4.22 8.49
C HIS A 141 -38.78 4.12 9.32
N TRP A 142 -38.95 2.98 9.99
CA TRP A 142 -40.12 2.74 10.82
C TRP A 142 -39.77 1.71 11.87
N LYS A 143 -40.62 1.60 12.89
CA LYS A 143 -40.42 0.63 13.96
C LYS A 143 -41.51 -0.44 13.87
N MET A 144 -41.10 -1.69 14.07
CA MET A 144 -42.03 -2.81 14.11
C MET A 144 -42.64 -2.93 15.50
N ASP A 145 -43.86 -3.48 15.57
CA ASP A 145 -44.51 -3.66 16.86
C ASP A 145 -43.76 -4.66 17.74
N THR A 146 -43.13 -5.66 17.14
CA THR A 146 -42.27 -6.58 17.87
C THR A 146 -41.00 -6.80 17.06
N PRO A 147 -39.88 -7.06 17.72
CA PRO A 147 -38.62 -7.22 16.98
C PRO A 147 -38.67 -8.41 16.04
N LEU A 148 -38.10 -8.22 14.86
CA LEU A 148 -37.82 -9.32 13.95
C LEU A 148 -36.78 -10.25 14.56
N GLN A 149 -37.00 -11.55 14.40
CA GLN A 149 -36.13 -12.59 14.96
C GLN A 149 -35.54 -13.43 13.83
N PRO A 150 -34.40 -14.06 14.06
CA PRO A 150 -33.82 -14.97 13.05
C PRO A 150 -34.86 -15.97 12.55
N GLY A 151 -34.91 -16.13 11.23
CA GLY A 151 -35.91 -16.97 10.61
C GLY A 151 -37.17 -16.25 10.17
N ASP A 152 -37.46 -15.08 10.74
CA ASP A 152 -38.59 -14.29 10.26
C ASP A 152 -38.36 -13.90 8.81
N THR A 153 -39.44 -13.78 8.05
CA THR A 153 -39.36 -13.22 6.71
C THR A 153 -40.03 -11.85 6.74
N ILE A 154 -39.34 -10.84 6.21
CA ILE A 154 -39.93 -9.52 6.05
C ILE A 154 -40.04 -9.26 4.56
N ARG A 155 -41.25 -8.93 4.11
CA ARG A 155 -41.55 -8.74 2.70
C ARG A 155 -41.97 -7.30 2.49
N ILE A 156 -41.40 -6.67 1.46
CA ILE A 156 -41.82 -5.36 0.98
C ILE A 156 -42.60 -5.60 -0.30
N GLN A 157 -43.86 -5.17 -0.33
CA GLN A 157 -44.73 -5.54 -1.45
C GLN A 157 -45.53 -4.34 -1.94
N LYS A 158 -45.62 -4.19 -3.26
CA LYS A 158 -46.48 -3.20 -3.85
C LYS A 158 -47.93 -3.67 -3.84
N SER A 159 -48.84 -2.79 -3.43
CA SER A 159 -50.24 -3.13 -3.30
C SER A 159 -51.01 -2.66 -4.55
N GLY A 160 -52.35 -2.70 -4.46
CA GLY A 160 -53.20 -2.15 -5.49
C GLY A 160 -53.45 -0.66 -5.38
N ALA A 161 -52.76 0.02 -4.46
CA ALA A 161 -53.04 1.42 -4.17
C ALA A 161 -52.84 2.32 -5.40
N ASP A 162 -51.78 2.11 -6.18
CA ASP A 162 -51.50 3.06 -7.25
C ASP A 162 -50.83 2.34 -8.42
N SER A 163 -50.53 3.10 -9.47
CA SER A 163 -49.89 2.64 -10.69
C SER A 163 -48.37 2.81 -10.69
N LEU A 164 -47.79 3.31 -9.60
CA LEU A 164 -46.40 3.71 -9.64
C LEU A 164 -45.49 2.50 -9.53
N GLU A 165 -44.38 2.52 -10.26
CA GLU A 165 -43.34 1.54 -10.07
C GLU A 165 -42.42 2.01 -8.95
N TYR A 166 -42.22 1.16 -7.96
CA TYR A 166 -41.31 1.41 -6.87
C TYR A 166 -40.06 0.57 -7.07
N GLY A 167 -38.98 0.99 -6.45
CA GLY A 167 -37.77 0.17 -6.38
C GLY A 167 -37.31 0.05 -4.95
N VAL A 168 -36.82 -1.13 -4.58
CA VAL A 168 -36.25 -1.34 -3.26
C VAL A 168 -34.80 -1.76 -3.41
N ASP A 169 -33.89 -0.99 -2.81
CA ASP A 169 -32.46 -1.31 -2.83
C ASP A 169 -32.10 -2.25 -1.69
N PHE A 170 -32.33 -1.84 -0.44
CA PHE A 170 -31.98 -2.68 0.69
C PHE A 170 -32.81 -2.28 1.89
N LEU A 171 -32.79 -3.14 2.90
CA LEU A 171 -33.21 -2.82 4.26
C LEU A 171 -32.00 -2.86 5.18
N GLU A 172 -32.03 -2.00 6.20
CA GLU A 172 -31.10 -2.10 7.33
C GLU A 172 -31.93 -2.27 8.59
N ILE A 173 -31.58 -3.25 9.41
CA ILE A 173 -32.44 -3.69 10.51
C ILE A 173 -31.62 -3.71 11.78
N GLU A 174 -32.18 -3.15 12.85
CA GLU A 174 -31.45 -3.00 14.10
C GLU A 174 -32.42 -3.11 15.27
N ALA A 175 -31.88 -3.52 16.42
CA ALA A 175 -32.67 -3.49 17.65
C ALA A 175 -32.72 -2.04 18.16
N VAL A 176 -33.90 -1.62 18.57
CA VAL A 176 -34.11 -0.24 19.01
C VAL A 176 -34.09 -0.21 20.54
N PRO A 177 -33.19 0.54 21.15
CA PRO A 177 -33.24 0.69 22.61
C PRO A 177 -34.45 1.51 23.02
N ALA A 178 -34.89 1.30 24.25
CA ALA A 178 -35.98 2.11 24.78
C ALA A 178 -35.60 3.59 24.77
N ALA A 179 -36.63 4.44 24.86
CA ALA A 179 -36.40 5.88 24.94
C ALA A 179 -35.44 6.23 26.08
N ILE A 180 -34.57 7.19 25.80
CA ILE A 180 -33.67 7.70 26.83
C ILE A 180 -34.46 8.53 27.84
N ALA A 181 -34.19 8.28 29.12
CA ALA A 181 -34.90 8.92 30.20
C ALA A 181 -34.63 10.44 30.26
N ARG A 182 -35.62 11.17 30.71
CA ARG A 182 -35.43 12.59 31.02
C ARG A 182 -34.37 12.75 32.10
N PRO A 183 -33.32 13.52 31.87
CA PRO A 183 -32.29 13.69 32.91
C PRO A 183 -32.82 14.41 34.14
N ALA A 184 -32.20 14.11 35.28
CA ALA A 184 -32.53 14.83 36.52
C ALA A 184 -32.33 16.32 36.34
N ASN A 185 -33.23 17.10 36.93
CA ASN A 185 -33.13 18.56 36.99
C ASN A 185 -32.87 19.16 35.60
N SER A 186 -33.63 18.66 34.62
CA SER A 186 -33.63 19.22 33.28
C SER A 186 -34.92 20.00 33.06
N VAL A 187 -34.99 20.69 31.93
CA VAL A 187 -36.23 21.28 31.47
C VAL A 187 -36.60 20.53 30.19
N SER A 188 -37.89 20.35 29.97
CA SER A 188 -38.39 19.66 28.78
C SER A 188 -39.18 20.64 27.94
N VAL A 189 -39.15 20.44 26.61
CA VAL A 189 -39.95 21.29 25.74
C VAL A 189 -41.43 21.16 26.08
N THR A 190 -41.86 20.01 26.61
CA THR A 190 -43.26 19.88 26.96
C THR A 190 -43.62 20.66 28.23
N ASP A 191 -42.63 21.04 29.03
CA ASP A 191 -42.89 21.95 30.16
C ASP A 191 -43.42 23.28 29.68
N PHE A 192 -43.11 23.66 28.44
CA PHE A 192 -43.43 24.98 27.91
C PHE A 192 -44.47 24.94 26.80
N GLY A 193 -45.20 23.83 26.70
CA GLY A 193 -46.36 23.76 25.83
C GLY A 193 -46.20 22.89 24.61
N ALA A 194 -45.00 22.38 24.35
CA ALA A 194 -44.85 21.48 23.21
C ALA A 194 -45.66 20.21 23.44
N VAL A 195 -46.27 19.71 22.37
CA VAL A 195 -47.04 18.47 22.43
C VAL A 195 -46.59 17.57 21.28
N ALA A 196 -46.21 16.34 21.61
CA ALA A 196 -45.82 15.40 20.57
C ALA A 196 -47.02 14.88 19.79
N ASN A 197 -46.81 14.64 18.49
CA ASN A 197 -47.69 13.81 17.66
C ASN A 197 -49.06 14.41 17.40
N ASP A 198 -49.23 15.72 17.55
CA ASP A 198 -50.53 16.35 17.30
C ASP A 198 -50.54 17.17 16.02
N GLY A 199 -49.45 17.20 15.27
CA GLY A 199 -49.39 18.01 14.08
C GLY A 199 -49.36 19.49 14.29
N GLN A 200 -49.38 19.95 15.55
CA GLN A 200 -49.38 21.38 15.85
C GLN A 200 -47.97 21.88 16.08
N ASP A 201 -47.75 23.15 15.78
CA ASP A 201 -46.42 23.73 15.82
C ASP A 201 -45.89 23.85 17.25
N ASP A 202 -44.63 23.46 17.46
CA ASP A 202 -44.01 23.45 18.77
C ASP A 202 -42.89 24.47 18.92
N LEU A 203 -42.61 25.27 17.89
CA LEU A 203 -41.40 26.10 17.91
C LEU A 203 -41.45 27.17 18.98
N ALA A 204 -42.63 27.71 19.31
CA ALA A 204 -42.69 28.68 20.40
C ALA A 204 -42.27 28.03 21.71
N ALA A 205 -42.73 26.80 21.96
CA ALA A 205 -42.34 26.09 23.16
C ALA A 205 -40.85 25.75 23.17
N PHE A 206 -40.30 25.37 22.01
CA PHE A 206 -38.86 25.10 21.92
C PHE A 206 -38.05 26.34 22.25
N GLU A 207 -38.46 27.50 21.71
CA GLU A 207 -37.74 28.74 21.99
C GLU A 207 -37.80 29.10 23.47
N ALA A 208 -38.99 28.97 24.07
CA ALA A 208 -39.12 29.25 25.50
C ALA A 208 -38.28 28.28 26.32
N ALA A 209 -38.24 27.01 25.90
CA ALA A 209 -37.48 26.01 26.64
C ALA A 209 -35.98 26.29 26.57
N VAL A 210 -35.49 26.77 25.42
CA VAL A 210 -34.10 27.17 25.31
C VAL A 210 -33.78 28.27 26.31
N ASN A 211 -34.61 29.32 26.36
CA ASN A 211 -34.36 30.42 27.29
C ASN A 211 -34.34 29.91 28.73
N ALA A 212 -35.26 29.01 29.09
CA ALA A 212 -35.30 28.53 30.46
C ALA A 212 -34.09 27.65 30.77
N ALA A 213 -33.67 26.83 29.81
CA ALA A 213 -32.48 26.01 30.00
C ALA A 213 -31.24 26.88 30.21
N VAL A 214 -31.09 27.92 29.38
CA VAL A 214 -29.93 28.78 29.50
C VAL A 214 -29.98 29.55 30.82
N THR A 215 -31.15 30.06 31.19
CA THR A 215 -31.28 30.80 32.44
C THR A 215 -30.99 29.91 33.65
N SER A 216 -31.43 28.65 33.62
CA SER A 216 -31.31 27.78 34.78
C SER A 216 -30.06 26.92 34.78
N GLY A 217 -29.30 26.92 33.69
CA GLY A 217 -28.19 26.00 33.55
C GLY A 217 -28.60 24.55 33.48
N LYS A 218 -29.82 24.25 33.05
CA LYS A 218 -30.32 22.89 32.99
C LYS A 218 -30.23 22.32 31.58
N ILE A 219 -30.13 20.99 31.50
CA ILE A 219 -30.26 20.29 30.22
C ILE A 219 -31.63 20.57 29.61
N LEU A 220 -31.68 20.74 28.28
CA LEU A 220 -32.94 20.80 27.56
C LEU A 220 -33.23 19.42 27.00
N TYR A 221 -34.31 18.79 27.48
CA TYR A 221 -34.73 17.47 27.04
C TYR A 221 -35.88 17.58 26.06
N ILE A 222 -35.84 16.78 25.00
CA ILE A 222 -36.94 16.65 24.07
C ILE A 222 -37.44 15.21 24.18
N PRO A 223 -38.65 14.97 24.71
CA PRO A 223 -39.09 13.59 24.95
C PRO A 223 -39.43 12.87 23.66
N ALA A 224 -39.80 11.59 23.77
CA ALA A 224 -40.20 10.83 22.59
C ALA A 224 -41.40 11.45 21.92
N GLY A 225 -41.43 11.36 20.60
CA GLY A 225 -42.54 11.86 19.80
C GLY A 225 -42.06 12.74 18.66
N THR A 226 -43.02 13.12 17.83
CA THR A 226 -42.76 14.01 16.71
C THR A 226 -43.18 15.43 17.08
N PHE A 227 -42.25 16.37 16.94
CA PHE A 227 -42.49 17.78 17.17
C PHE A 227 -42.32 18.53 15.86
N HIS A 228 -43.19 19.52 15.65
CA HIS A 228 -43.27 20.22 14.37
C HIS A 228 -42.79 21.66 14.54
N LEU A 229 -41.82 22.06 13.73
CA LEU A 229 -41.23 23.38 13.82
C LEU A 229 -41.43 24.10 12.49
N GLY A 230 -42.26 25.14 12.50
CA GLY A 230 -42.66 25.85 11.29
C GLY A 230 -41.70 26.92 10.81
N ASN A 231 -40.51 26.99 11.38
CA ASN A 231 -39.46 27.84 10.82
C ASN A 231 -38.12 27.36 11.35
N MET A 232 -37.07 28.11 11.04
CA MET A 232 -35.74 27.78 11.52
C MET A 232 -35.71 27.88 13.04
N TRP A 233 -35.08 26.90 13.69
CA TRP A 233 -34.90 26.93 15.13
C TRP A 233 -33.58 27.66 15.42
N LYS A 234 -33.67 28.88 15.94
CA LYS A 234 -32.49 29.70 16.22
C LYS A 234 -32.17 29.59 17.71
N ILE A 235 -31.02 29.03 18.01
CA ILE A 235 -30.64 28.71 19.37
C ILE A 235 -29.57 29.74 19.76
N GLY A 236 -30.01 30.78 20.47
CA GLY A 236 -29.20 31.96 20.68
C GLY A 236 -29.34 32.94 19.51
N SER A 237 -28.75 34.12 19.69
CA SER A 237 -28.76 35.14 18.65
C SER A 237 -27.35 35.72 18.53
N VAL A 238 -27.10 36.41 17.41
CA VAL A 238 -25.79 37.04 17.24
C VAL A 238 -25.54 38.05 18.35
N ALA A 239 -26.56 38.83 18.69
CA ALA A 239 -26.39 39.84 19.73
C ALA A 239 -26.29 39.23 21.12
N ASN A 240 -26.97 38.11 21.35
CA ASN A 240 -27.00 37.47 22.68
C ASN A 240 -26.66 36.00 22.49
N LYS A 241 -25.37 35.71 22.37
CA LYS A 241 -24.94 34.34 22.11
C LYS A 241 -25.02 33.53 23.39
N ILE A 242 -25.22 32.20 23.22
CA ILE A 242 -25.31 31.27 24.33
C ILE A 242 -23.92 30.77 24.69
N ASN A 243 -23.64 30.68 26.00
CA ASN A 243 -22.37 30.15 26.46
C ASN A 243 -22.34 28.64 26.30
N ASN A 244 -23.06 27.91 27.16
CA ASN A 244 -23.09 26.46 27.10
C ASN A 244 -24.52 25.96 27.08
N ILE A 245 -24.78 24.91 26.30
CA ILE A 245 -26.12 24.34 26.30
C ILE A 245 -26.05 22.87 25.92
N THR A 246 -26.85 22.06 26.60
CA THR A 246 -27.02 20.64 26.28
C THR A 246 -28.46 20.40 25.88
N ILE A 247 -28.65 19.79 24.71
CA ILE A 247 -29.98 19.48 24.18
C ILE A 247 -29.99 18.00 23.82
N MET A 248 -30.89 17.24 24.44
CA MET A 248 -30.88 15.79 24.25
C MET A 248 -32.30 15.28 24.03
N GLY A 249 -32.46 14.46 23.00
CA GLY A 249 -33.73 13.81 22.75
C GLY A 249 -33.78 12.44 23.39
N ALA A 250 -34.85 11.70 23.09
CA ALA A 250 -35.02 10.36 23.63
C ALA A 250 -34.41 9.26 22.76
N GLY A 251 -33.76 9.63 21.66
CA GLY A 251 -33.16 8.64 20.77
C GLY A 251 -33.54 8.90 19.32
N ILE A 252 -32.63 8.54 18.41
CA ILE A 252 -32.93 8.74 16.99
C ILE A 252 -34.15 7.94 16.54
N TRP A 253 -34.54 6.91 17.30
CA TRP A 253 -35.73 6.14 16.97
C TRP A 253 -36.98 6.62 17.71
N HIS A 254 -36.87 7.66 18.54
CA HIS A 254 -37.97 8.06 19.40
C HIS A 254 -38.35 9.52 19.25
N THR A 255 -37.39 10.42 19.07
CA THR A 255 -37.63 11.85 19.03
C THR A 255 -37.41 12.35 17.60
N ASN A 256 -38.47 12.86 16.96
CA ASN A 256 -38.43 13.38 15.59
C ASN A 256 -38.71 14.88 15.62
N ILE A 257 -37.79 15.66 15.06
CA ILE A 257 -38.03 17.07 14.80
C ILE A 257 -38.37 17.21 13.32
N GLN A 258 -39.58 17.65 13.03
CA GLN A 258 -40.06 17.76 11.66
C GLN A 258 -40.21 19.25 11.33
N PHE A 259 -39.32 19.77 10.48
CA PHE A 259 -39.51 21.12 9.98
C PHE A 259 -40.57 21.10 8.89
N THR A 260 -41.55 22.01 9.00
CA THR A 260 -42.71 21.97 8.13
C THR A 260 -42.71 23.04 7.05
N ASN A 261 -41.78 23.98 7.09
CA ASN A 261 -41.82 25.14 6.19
C ASN A 261 -40.93 24.86 4.99
N PRO A 262 -41.45 24.90 3.76
CA PRO A 262 -40.63 24.62 2.57
C PRO A 262 -39.84 25.81 2.05
N ASN A 263 -39.98 26.99 2.65
CA ASN A 263 -39.39 28.19 2.07
C ASN A 263 -37.91 28.33 2.41
N GLN A 264 -37.24 29.21 1.65
CA GLN A 264 -35.85 29.57 1.93
C GLN A 264 -35.69 29.98 3.38
N ALA A 265 -34.57 29.57 3.98
CA ALA A 265 -34.14 30.00 5.31
C ALA A 265 -35.21 29.74 6.37
N SER A 266 -36.00 28.67 6.20
CA SER A 266 -37.17 28.46 7.05
C SER A 266 -37.16 27.11 7.75
N GLY A 267 -35.99 26.50 7.93
CA GLY A 267 -35.90 25.27 8.68
C GLY A 267 -34.45 24.99 9.02
N GLY A 268 -34.23 23.89 9.72
CA GLY A 268 -32.92 23.59 10.25
C GLY A 268 -32.63 24.36 11.52
N ILE A 269 -31.46 24.10 12.10
CA ILE A 269 -31.05 24.67 13.38
C ILE A 269 -29.87 25.61 13.17
N SER A 270 -29.98 26.84 13.68
CA SER A 270 -28.88 27.79 13.66
C SER A 270 -28.37 27.96 15.08
N PHE A 271 -27.12 27.54 15.32
CA PHE A 271 -26.49 27.72 16.63
C PHE A 271 -25.79 29.06 16.70
N ARG A 272 -25.99 29.78 17.81
CA ARG A 272 -25.22 30.98 18.14
C ARG A 272 -24.59 30.75 19.51
N VAL A 273 -23.58 29.89 19.52
CA VAL A 273 -22.98 29.36 20.74
C VAL A 273 -21.49 29.72 20.73
N THR A 274 -20.99 30.23 21.86
CA THR A 274 -19.58 30.56 21.99
C THR A 274 -18.81 29.59 22.86
N GLY A 275 -19.48 28.85 23.72
CA GLY A 275 -18.82 27.85 24.53
C GLY A 275 -19.08 26.45 23.98
N GLN A 276 -19.61 25.57 24.80
CA GLN A 276 -19.74 24.16 24.45
C GLN A 276 -21.21 23.81 24.30
N LEU A 277 -21.59 23.35 23.12
CA LEU A 277 -22.91 22.76 22.94
C LEU A 277 -22.76 21.24 22.85
N ASP A 278 -23.78 20.54 23.33
CA ASP A 278 -23.86 19.09 23.22
C ASP A 278 -25.28 18.77 22.78
N PHE A 279 -25.42 18.27 21.56
CA PHE A 279 -26.72 18.06 20.94
C PHE A 279 -26.77 16.61 20.51
N SER A 280 -27.79 15.86 20.95
CA SER A 280 -27.73 14.43 20.70
C SER A 280 -29.11 13.80 20.70
N HIS A 281 -29.16 12.62 20.05
CA HIS A 281 -30.22 11.63 20.24
C HIS A 281 -31.57 12.11 19.68
N ILE A 282 -31.50 12.65 18.47
CA ILE A 282 -32.65 13.25 17.79
C ILE A 282 -32.58 12.87 16.32
N TYR A 283 -33.73 12.56 15.74
CA TYR A 283 -33.90 12.51 14.29
C TYR A 283 -34.50 13.83 13.81
N MET A 284 -33.98 14.36 12.69
CA MET A 284 -34.51 15.60 12.13
C MET A 284 -34.78 15.43 10.64
N ASN A 285 -35.87 16.04 10.18
CA ASN A 285 -36.28 16.01 8.79
C ASN A 285 -36.72 17.41 8.39
N SER A 286 -36.59 17.71 7.10
CA SER A 286 -36.96 19.01 6.54
C SER A 286 -38.32 18.96 5.86
N ASN A 287 -38.74 20.11 5.32
CA ASN A 287 -39.73 20.15 4.26
C ASN A 287 -39.13 20.76 3.00
N LEU A 288 -37.89 20.37 2.70
CA LEU A 288 -37.08 21.05 1.69
C LEU A 288 -36.91 20.18 0.45
N ARG A 289 -37.21 20.75 -0.73
CA ARG A 289 -37.01 20.02 -1.99
C ARG A 289 -36.10 20.74 -2.98
N SER A 290 -35.53 21.88 -2.60
CA SER A 290 -34.69 22.66 -3.50
C SER A 290 -33.47 23.22 -2.77
N ARG A 291 -32.35 23.30 -3.49
CA ARG A 291 -31.17 24.00 -3.01
C ARG A 291 -31.30 25.52 -3.12
N TYR A 292 -32.31 26.02 -3.82
CA TYR A 292 -32.48 27.46 -4.03
C TYR A 292 -31.19 28.12 -4.52
N GLY A 293 -30.49 27.46 -5.44
CA GLY A 293 -29.25 27.98 -5.99
C GLY A 293 -28.22 28.45 -4.97
N GLU A 294 -27.92 27.60 -3.99
CA GLU A 294 -26.99 27.89 -2.88
C GLU A 294 -27.49 28.96 -1.92
N GLN A 295 -28.74 29.40 -2.04
CA GLN A 295 -29.33 30.37 -1.13
C GLN A 295 -30.40 29.75 -0.23
N ALA A 296 -30.38 28.43 -0.06
CA ALA A 296 -31.46 27.80 0.71
C ALA A 296 -31.40 28.20 2.19
N VAL A 297 -30.18 28.37 2.73
CA VAL A 297 -29.96 28.63 4.15
C VAL A 297 -30.81 27.68 4.99
N TYR A 298 -30.66 26.39 4.76
CA TYR A 298 -31.60 25.40 5.30
C TYR A 298 -30.82 24.11 5.51
N LYS A 299 -29.65 24.23 6.15
CA LYS A 299 -28.90 23.07 6.55
C LYS A 299 -29.44 22.54 7.89
N GLY A 300 -29.18 21.25 8.15
CA GLY A 300 -29.65 20.68 9.40
C GLY A 300 -29.11 21.42 10.61
N PHE A 301 -27.80 21.69 10.61
CA PHE A 301 -27.14 22.42 11.69
C PHE A 301 -26.24 23.48 11.06
N MET A 302 -26.31 24.72 11.58
CA MET A 302 -25.68 25.87 10.95
C MET A 302 -25.03 26.80 11.96
N ASP A 303 -24.04 27.56 11.48
CA ASP A 303 -23.48 28.78 12.08
C ASP A 303 -22.44 28.50 13.17
N ASN A 304 -22.67 28.94 14.42
CA ASN A 304 -21.59 29.05 15.42
C ASN A 304 -21.61 27.88 16.40
N PHE A 305 -20.65 26.97 16.28
CA PHE A 305 -20.67 25.73 17.05
C PHE A 305 -19.75 25.76 18.27
N GLY A 306 -19.04 26.85 18.52
CA GLY A 306 -18.30 26.97 19.77
C GLY A 306 -17.03 26.13 19.85
N THR A 307 -16.65 25.77 21.08
CA THR A 307 -15.37 25.12 21.37
C THR A 307 -15.58 23.81 22.10
N ASN A 308 -14.97 22.73 21.59
CA ASN A 308 -15.13 21.37 22.11
C ASN A 308 -16.59 20.95 22.19
N SER A 309 -17.39 21.37 21.21
CA SER A 309 -18.78 20.95 21.17
C SER A 309 -18.92 19.56 20.56
N LYS A 310 -20.08 18.94 20.79
CA LYS A 310 -20.39 17.66 20.17
C LYS A 310 -21.81 17.69 19.64
N VAL A 311 -21.99 17.23 18.41
CA VAL A 311 -23.30 16.83 17.91
C VAL A 311 -23.16 15.34 17.61
N HIS A 312 -23.88 14.50 18.35
CA HIS A 312 -23.61 13.07 18.26
C HIS A 312 -24.90 12.28 18.37
N ASN A 313 -24.89 11.09 17.77
CA ASN A 313 -26.06 10.23 17.78
C ASN A 313 -27.30 10.97 17.25
N VAL A 314 -27.14 11.64 16.12
CA VAL A 314 -28.27 12.28 15.46
C VAL A 314 -28.46 11.61 14.10
N TRP A 315 -29.66 11.81 13.55
CA TRP A 315 -30.08 11.23 12.28
C TRP A 315 -30.76 12.38 11.53
N VAL A 316 -30.13 12.88 10.47
CA VAL A 316 -30.64 14.06 9.78
C VAL A 316 -30.66 13.80 8.27
N GLU A 317 -31.75 14.22 7.62
CA GLU A 317 -31.87 13.99 6.19
C GLU A 317 -32.73 15.05 5.55
N HIS A 318 -32.54 15.21 4.23
CA HIS A 318 -33.35 16.06 3.37
C HIS A 318 -33.10 17.55 3.59
N PHE A 319 -31.98 17.91 4.21
CA PHE A 319 -31.64 19.31 4.34
C PHE A 319 -30.77 19.75 3.17
N GLU A 320 -30.51 21.06 3.11
CA GLU A 320 -29.59 21.58 2.09
C GLU A 320 -28.23 20.92 2.22
N CYS A 321 -27.70 20.93 3.44
CA CYS A 321 -26.56 20.12 3.85
C CYS A 321 -26.91 19.54 5.20
N GLY A 322 -26.24 18.46 5.58
CA GLY A 322 -26.41 17.94 6.93
C GLY A 322 -25.93 18.94 7.98
N PHE A 323 -24.67 19.33 7.84
CA PHE A 323 -24.00 20.30 8.70
C PHE A 323 -23.29 21.32 7.84
N TRP A 324 -23.42 22.61 8.17
CA TRP A 324 -22.53 23.64 7.61
C TRP A 324 -21.92 24.42 8.76
N VAL A 325 -20.67 24.11 9.10
CA VAL A 325 -20.02 24.70 10.27
C VAL A 325 -19.25 25.92 9.79
N GLY A 326 -19.69 27.11 10.21
CA GLY A 326 -19.00 28.31 9.77
C GLY A 326 -19.71 29.59 10.14
N ASP A 327 -18.93 30.58 10.58
CA ASP A 327 -19.46 31.86 10.99
C ASP A 327 -19.47 32.83 9.82
N TYR A 328 -20.63 33.47 9.59
CA TYR A 328 -20.75 34.55 8.61
C TYR A 328 -21.26 35.83 9.25
N ALA A 329 -21.35 35.88 10.58
CA ALA A 329 -21.99 36.99 11.25
C ALA A 329 -21.04 37.92 11.99
N HIS A 330 -19.76 37.60 12.06
CA HIS A 330 -18.79 38.38 12.83
C HIS A 330 -17.63 38.81 11.95
N THR A 331 -17.09 40.00 12.25
CA THR A 331 -15.89 40.49 11.58
C THR A 331 -14.92 40.94 12.66
N PRO A 332 -13.75 40.31 12.80
CA PRO A 332 -13.35 39.13 12.01
C PRO A 332 -14.13 37.88 12.41
N ALA A 333 -14.18 36.88 11.54
CA ALA A 333 -15.02 35.72 11.78
C ALA A 333 -14.54 34.94 13.00
N ILE A 334 -15.49 34.41 13.77
CA ILE A 334 -15.15 33.48 14.84
C ILE A 334 -15.19 32.08 14.26
N ILE A 335 -14.63 31.10 14.96
CA ILE A 335 -14.55 29.74 14.44
C ILE A 335 -15.01 28.74 15.48
N ALA A 336 -15.51 27.60 14.99
CA ALA A 336 -15.61 26.41 15.79
C ALA A 336 -14.24 25.74 15.89
N ASN A 337 -13.90 25.30 17.10
CA ASN A 337 -12.62 24.66 17.38
C ASN A 337 -12.93 23.41 18.21
N GLY A 338 -12.48 22.26 17.74
CA GLY A 338 -12.67 21.03 18.48
C GLY A 338 -14.06 20.42 18.42
N LEU A 339 -14.86 20.77 17.43
CA LEU A 339 -16.17 20.15 17.27
C LEU A 339 -16.01 18.68 16.94
N VAL A 340 -16.84 17.84 17.55
CA VAL A 340 -16.90 16.42 17.21
C VAL A 340 -18.32 16.08 16.78
N ILE A 341 -18.45 15.56 15.57
CA ILE A 341 -19.68 14.98 15.07
C ILE A 341 -19.45 13.47 15.03
N GLU A 342 -20.26 12.70 15.76
CA GLU A 342 -19.98 11.28 15.80
C GLU A 342 -21.25 10.46 15.94
N ASN A 343 -21.14 9.19 15.57
CA ASN A 343 -22.20 8.19 15.79
C ASN A 343 -23.51 8.63 15.14
N SER A 344 -23.43 9.27 13.98
CA SER A 344 -24.58 9.92 13.38
C SER A 344 -24.85 9.40 11.98
N ARG A 345 -26.05 9.71 11.48
CA ARG A 345 -26.53 9.27 10.19
C ARG A 345 -26.93 10.52 9.43
N ILE A 346 -26.17 10.86 8.39
CA ILE A 346 -26.31 12.13 7.70
C ILE A 346 -26.53 11.75 6.25
N ARG A 347 -27.79 11.81 5.81
CA ARG A 347 -28.16 11.11 4.58
C ARG A 347 -29.16 11.91 3.76
N ASN A 348 -29.15 11.68 2.45
CA ASN A 348 -30.22 12.19 1.58
C ASN A 348 -30.36 13.70 1.66
N ASN A 349 -29.24 14.41 1.77
CA ASN A 349 -29.26 15.86 1.70
C ASN A 349 -28.96 16.31 0.28
N LEU A 350 -29.43 17.52 -0.05
CA LEU A 350 -29.36 18.04 -1.42
C LEU A 350 -27.95 18.48 -1.80
N ALA A 351 -27.07 18.66 -0.82
CA ALA A 351 -25.67 19.03 -1.06
C ALA A 351 -24.78 18.33 -0.04
N ASP A 352 -23.78 19.04 0.54
CA ASP A 352 -22.77 18.39 1.38
C ASP A 352 -23.41 17.65 2.56
N GLY A 353 -22.81 16.52 2.93
CA GLY A 353 -23.13 15.95 4.23
C GLY A 353 -22.66 16.82 5.37
N VAL A 354 -21.36 17.11 5.42
CA VAL A 354 -20.78 17.99 6.43
C VAL A 354 -19.73 18.85 5.72
N ASN A 355 -19.78 20.15 5.94
CA ASN A 355 -18.71 21.03 5.50
C ASN A 355 -18.16 21.81 6.70
N PHE A 356 -16.86 21.64 6.96
CA PHE A 356 -16.11 22.43 7.93
C PHE A 356 -15.54 23.64 7.20
N ALA A 357 -16.19 24.80 7.31
CA ALA A 357 -15.83 25.97 6.51
C ALA A 357 -15.40 27.12 7.43
N GLN A 358 -14.96 28.23 6.81
CA GLN A 358 -14.75 29.49 7.54
C GLN A 358 -13.79 29.31 8.72
N GLY A 359 -12.73 28.53 8.51
CA GLY A 359 -11.70 28.38 9.53
C GLY A 359 -12.00 27.39 10.62
N THR A 360 -13.09 26.64 10.52
CA THR A 360 -13.33 25.51 11.40
C THR A 360 -12.07 24.66 11.50
N SER A 361 -11.64 24.38 12.74
CA SER A 361 -10.34 23.76 12.98
C SER A 361 -10.45 22.70 14.05
N ASN A 362 -9.47 21.78 14.03
CA ASN A 362 -9.32 20.75 15.06
C ASN A 362 -10.62 20.00 15.31
N SER A 363 -11.40 19.84 14.25
CA SER A 363 -12.75 19.28 14.35
C SER A 363 -12.82 17.96 13.60
N THR A 364 -13.85 17.17 13.91
CA THR A 364 -13.86 15.76 13.53
C THR A 364 -15.26 15.31 13.13
N VAL A 365 -15.35 14.49 12.10
CA VAL A 365 -16.52 13.64 11.87
C VAL A 365 -16.05 12.19 11.98
N ARG A 366 -16.68 11.42 12.85
CA ARG A 366 -16.22 10.05 13.03
C ARG A 366 -17.38 9.11 13.32
N ASN A 367 -17.14 7.84 13.01
CA ASN A 367 -18.09 6.74 13.20
C ASN A 367 -19.50 7.11 12.76
N SER A 368 -19.62 7.59 11.54
CA SER A 368 -20.89 8.08 11.04
C SER A 368 -21.19 7.49 9.67
N SER A 369 -22.48 7.44 9.36
CA SER A 369 -23.00 6.97 8.09
C SER A 369 -23.33 8.19 7.25
N ILE A 370 -22.60 8.39 6.15
CA ILE A 370 -22.73 9.56 5.28
C ILE A 370 -23.22 9.04 3.94
N ARG A 371 -24.52 9.20 3.63
CA ARG A 371 -25.08 8.43 2.53
C ARG A 371 -25.97 9.28 1.63
N ASN A 372 -25.77 9.15 0.32
CA ASN A 372 -26.73 9.62 -0.69
C ASN A 372 -26.87 11.15 -0.67
N ASN A 373 -25.76 11.86 -0.51
CA ASN A 373 -25.77 13.31 -0.48
C ASN A 373 -25.39 13.89 -1.85
N GLY A 374 -25.80 15.14 -2.07
CA GLY A 374 -25.72 15.77 -3.38
C GLY A 374 -24.57 16.72 -3.61
N ASP A 375 -23.51 16.55 -2.82
CA ASP A 375 -22.25 17.26 -2.98
C ASP A 375 -21.25 16.47 -2.13
N ASP A 376 -20.09 17.06 -1.84
CA ASP A 376 -19.09 16.30 -1.07
C ASP A 376 -19.70 15.76 0.22
N GLY A 377 -19.43 14.48 0.50
CA GLY A 377 -19.97 13.87 1.70
C GLY A 377 -19.44 14.56 2.94
N LEU A 378 -18.12 14.62 3.04
CA LEU A 378 -17.42 15.31 4.13
C LEU A 378 -16.39 16.22 3.49
N ALA A 379 -16.45 17.51 3.78
CA ALA A 379 -15.58 18.47 3.12
C ALA A 379 -15.00 19.47 4.10
N VAL A 380 -13.77 19.92 3.82
CA VAL A 380 -13.18 21.08 4.47
C VAL A 380 -12.98 22.15 3.41
N TRP A 381 -13.82 23.18 3.43
CA TRP A 381 -13.64 24.33 2.55
C TRP A 381 -13.07 25.47 3.39
N THR A 382 -11.77 25.74 3.24
CA THR A 382 -11.11 26.77 4.02
C THR A 382 -11.34 28.15 3.37
N SER A 383 -12.60 28.58 3.45
CA SER A 383 -13.01 29.91 3.01
C SER A 383 -12.51 30.97 3.99
N ASN A 384 -12.51 32.23 3.53
CA ASN A 384 -11.96 33.32 4.33
C ASN A 384 -12.86 34.55 4.32
N VAL A 385 -14.18 34.35 4.28
CA VAL A 385 -15.11 35.46 4.32
C VAL A 385 -14.99 36.17 5.66
N ASN A 386 -14.99 37.50 5.63
CA ASN A 386 -14.92 38.31 6.84
C ASN A 386 -13.65 38.04 7.64
N GLY A 387 -12.58 37.64 6.97
CA GLY A 387 -11.32 37.47 7.68
C GLY A 387 -11.20 36.19 8.50
N ALA A 388 -11.95 35.16 8.14
CA ALA A 388 -11.79 33.87 8.82
C ALA A 388 -10.37 33.36 8.63
N PRO A 389 -9.78 32.73 9.63
CA PRO A 389 -8.45 32.12 9.46
C PRO A 389 -8.55 30.85 8.65
N ALA A 390 -7.40 30.35 8.23
CA ALA A 390 -7.37 29.08 7.52
C ALA A 390 -7.74 27.93 8.45
N GLY A 391 -8.69 27.09 8.00
CA GLY A 391 -9.02 25.91 8.77
C GLY A 391 -7.87 24.91 8.76
N VAL A 392 -7.59 24.34 9.95
CA VAL A 392 -6.47 23.41 10.12
C VAL A 392 -6.89 22.21 10.97
N ASN A 393 -6.18 21.08 10.73
CA ASN A 393 -6.21 19.91 11.61
C ASN A 393 -7.62 19.32 11.77
N ASN A 394 -8.38 19.23 10.68
CA ASN A 394 -9.67 18.56 10.75
C ASN A 394 -9.52 17.08 10.39
N THR A 395 -10.42 16.26 10.92
CA THR A 395 -10.31 14.81 10.81
C THR A 395 -11.65 14.19 10.40
N PHE A 396 -11.62 13.34 9.38
CA PHE A 396 -12.77 12.55 8.93
C PHE A 396 -12.38 11.08 9.03
N SER A 397 -12.76 10.40 10.11
CA SER A 397 -12.25 9.05 10.30
C SER A 397 -13.34 8.09 10.75
N TYR A 398 -13.17 6.82 10.35
CA TYR A 398 -14.07 5.73 10.76
C TYR A 398 -15.50 5.97 10.29
N ASN A 399 -15.65 6.45 9.06
CA ASN A 399 -16.96 6.70 8.49
C ASN A 399 -17.22 5.75 7.33
N THR A 400 -18.50 5.47 7.09
CA THR A 400 -18.95 4.73 5.92
C THR A 400 -19.72 5.70 5.04
N ILE A 401 -19.19 5.95 3.85
CA ILE A 401 -19.64 7.03 2.98
C ILE A 401 -20.11 6.38 1.69
N GLU A 402 -21.42 6.34 1.47
CA GLU A 402 -22.03 5.55 0.42
C GLU A 402 -22.95 6.39 -0.45
N ASN A 403 -23.00 6.04 -1.74
CA ASN A 403 -24.03 6.51 -2.67
C ASN A 403 -24.01 8.01 -2.90
N ASN A 404 -22.84 8.64 -2.72
CA ASN A 404 -22.68 10.04 -3.10
C ASN A 404 -23.08 10.20 -4.57
N TRP A 405 -23.89 11.21 -4.91
CA TRP A 405 -24.29 11.40 -6.30
C TRP A 405 -23.78 12.70 -6.90
N ARG A 406 -22.87 13.39 -6.21
CA ARG A 406 -22.17 14.51 -6.80
C ARG A 406 -20.85 14.70 -6.06
N ALA A 407 -19.81 15.06 -6.80
CA ALA A 407 -18.50 15.41 -6.22
C ALA A 407 -17.94 14.16 -5.52
N ALA A 408 -17.39 14.28 -4.31
CA ALA A 408 -16.61 13.20 -3.73
C ALA A 408 -17.12 12.82 -2.34
N GLY A 409 -16.79 11.59 -1.93
CA GLY A 409 -17.10 11.19 -0.57
C GLY A 409 -16.39 12.04 0.48
N ILE A 410 -15.11 12.32 0.26
CA ILE A 410 -14.32 13.15 1.17
C ILE A 410 -13.54 14.15 0.33
N ALA A 411 -13.49 15.41 0.77
CA ALA A 411 -12.79 16.43 0.01
C ALA A 411 -12.07 17.42 0.94
N PHE A 412 -10.84 17.81 0.56
CA PHE A 412 -10.13 18.89 1.22
C PHE A 412 -9.81 19.94 0.16
N PHE A 413 -10.08 21.20 0.47
CA PHE A 413 -9.87 22.29 -0.48
C PHE A 413 -8.82 23.30 -0.06
N GLY A 414 -8.23 23.17 1.12
CA GLY A 414 -7.20 24.08 1.54
C GLY A 414 -6.86 23.89 3.00
N GLY A 415 -6.00 24.77 3.50
CA GLY A 415 -5.57 24.71 4.89
C GLY A 415 -4.42 23.75 5.14
N SER A 416 -4.34 23.22 6.35
CA SER A 416 -3.18 22.43 6.74
C SER A 416 -3.60 21.33 7.72
N GLY A 417 -2.91 20.20 7.65
CA GLY A 417 -2.94 19.21 8.72
C GLY A 417 -4.16 18.32 8.80
N HIS A 418 -5.03 18.33 7.80
CA HIS A 418 -6.23 17.51 7.82
C HIS A 418 -5.88 16.05 7.61
N LYS A 419 -6.72 15.15 8.13
CA LYS A 419 -6.52 13.75 7.83
C LYS A 419 -7.88 13.06 7.68
N ALA A 420 -7.86 11.98 6.91
CA ALA A 420 -9.05 11.16 6.70
C ALA A 420 -8.57 9.72 6.74
N THR A 421 -8.96 8.98 7.77
CA THR A 421 -8.42 7.64 7.96
C THR A 421 -9.53 6.65 8.33
N HIS A 422 -9.30 5.38 7.99
CA HIS A 422 -10.18 4.29 8.42
C HIS A 422 -11.60 4.45 7.88
N ASN A 423 -11.72 4.92 6.65
CA ASN A 423 -13.02 5.13 6.05
C ASN A 423 -13.33 4.02 5.04
N LEU A 424 -14.62 3.87 4.76
CA LEU A 424 -15.12 2.97 3.74
C LEU A 424 -16.00 3.81 2.82
N ILE A 425 -15.64 3.88 1.54
CA ILE A 425 -16.28 4.78 0.60
C ILE A 425 -16.72 3.95 -0.60
N VAL A 426 -18.03 3.89 -0.83
CA VAL A 426 -18.62 2.90 -1.74
C VAL A 426 -19.64 3.56 -2.66
N ASP A 427 -19.58 3.23 -3.95
CA ASP A 427 -20.68 3.49 -4.91
C ASP A 427 -20.92 4.99 -5.16
N THR A 428 -19.85 5.74 -5.41
CA THR A 428 -20.07 7.13 -5.79
C THR A 428 -20.61 7.21 -7.22
N VAL A 429 -21.35 8.28 -7.50
CA VAL A 429 -21.92 8.53 -8.82
C VAL A 429 -21.49 9.91 -9.28
N GLY A 430 -20.91 9.98 -10.47
CA GLY A 430 -20.50 11.26 -11.02
C GLY A 430 -19.29 11.87 -10.35
N GLY A 431 -18.54 11.09 -9.58
CA GLY A 431 -17.41 11.68 -8.88
C GLY A 431 -16.41 10.68 -8.31
N SER A 432 -15.93 10.94 -7.11
CA SER A 432 -14.73 10.31 -6.58
C SER A 432 -14.98 9.88 -5.14
N ALA A 433 -14.20 8.90 -4.69
CA ALA A 433 -14.20 8.63 -3.24
C ALA A 433 -13.53 9.77 -2.49
N ILE A 434 -12.43 10.28 -3.04
CA ILE A 434 -11.62 11.32 -2.43
C ILE A 434 -11.26 12.33 -3.50
N ARG A 435 -11.41 13.62 -3.20
CA ARG A 435 -10.93 14.64 -4.12
C ARG A 435 -10.27 15.78 -3.36
N MET A 436 -9.31 16.42 -4.02
CA MET A 436 -8.77 17.69 -3.57
C MET A 436 -8.73 18.60 -4.77
N ASN A 437 -9.06 19.86 -4.60
CA ASN A 437 -8.80 20.83 -5.66
C ASN A 437 -8.52 22.19 -5.04
N THR A 438 -8.09 23.13 -5.88
CA THR A 438 -7.88 24.52 -5.47
C THR A 438 -8.83 25.44 -6.23
N VAL A 439 -10.02 24.96 -6.57
CA VAL A 439 -10.94 25.75 -7.40
C VAL A 439 -11.76 26.77 -6.61
N PHE A 440 -11.78 26.70 -5.28
CA PHE A 440 -12.71 27.53 -4.53
C PHE A 440 -12.01 28.73 -3.91
N PRO A 441 -12.77 29.78 -3.58
CA PRO A 441 -12.20 30.94 -2.88
C PRO A 441 -11.61 30.54 -1.53
N GLY A 442 -10.71 31.37 -1.06
CA GLY A 442 -10.14 31.19 0.27
C GLY A 442 -8.72 30.65 0.24
N TYR A 443 -8.32 30.03 1.36
CA TYR A 443 -6.98 29.49 1.49
C TYR A 443 -6.84 28.18 0.72
N HIS A 444 -5.68 27.98 0.11
CA HIS A 444 -5.34 26.70 -0.49
C HIS A 444 -4.24 26.03 0.32
N PHE A 445 -3.20 25.46 -0.31
CA PHE A 445 -2.32 24.52 0.39
C PHE A 445 -0.90 25.05 0.57
N GLN A 446 -0.67 26.34 0.38
CA GLN A 446 0.69 26.86 0.41
C GLN A 446 1.35 26.64 1.77
N ASN A 447 0.58 26.76 2.85
CA ASN A 447 1.10 26.56 4.20
C ASN A 447 0.66 25.22 4.79
N ASN A 448 0.38 24.24 3.94
CA ASN A 448 0.01 22.91 4.40
C ASN A 448 1.27 22.16 4.84
N THR A 449 1.35 21.85 6.14
CA THR A 449 2.45 21.06 6.67
C THR A 449 2.30 19.58 6.35
N GLY A 450 1.10 19.15 5.96
CA GLY A 450 0.90 17.79 5.53
C GLY A 450 -0.52 17.33 5.76
N ILE A 451 -1.11 16.69 4.75
CA ILE A 451 -2.44 16.10 4.83
C ILE A 451 -2.29 14.60 4.59
N VAL A 452 -3.07 13.80 5.31
CA VAL A 452 -2.93 12.35 5.29
C VAL A 452 -4.27 11.70 4.99
N PHE A 453 -4.26 10.74 4.06
CA PHE A 453 -5.35 9.79 3.86
C PHE A 453 -4.79 8.40 4.15
N SER A 454 -5.49 7.61 4.97
CA SER A 454 -4.93 6.29 5.25
C SER A 454 -6.02 5.31 5.57
N ASP A 455 -5.65 4.03 5.45
CA ASP A 455 -6.42 2.91 5.98
C ASP A 455 -7.84 2.93 5.47
N THR A 456 -8.00 2.99 4.16
CA THR A 456 -9.31 3.30 3.60
C THR A 456 -9.59 2.37 2.42
N THR A 457 -10.82 1.88 2.35
CA THR A 457 -11.28 1.03 1.27
C THR A 457 -12.27 1.79 0.41
N ILE A 458 -12.05 1.75 -0.91
CA ILE A 458 -12.83 2.48 -1.89
C ILE A 458 -13.38 1.46 -2.87
N ILE A 459 -14.68 1.51 -3.16
CA ILE A 459 -15.34 0.49 -3.95
C ILE A 459 -16.27 1.14 -4.97
N ASN A 460 -16.15 0.74 -6.24
CA ASN A 460 -17.09 1.13 -7.29
C ASN A 460 -17.15 2.65 -7.48
N SER A 461 -16.03 3.33 -7.31
CA SER A 461 -16.02 4.79 -7.34
C SER A 461 -15.19 5.30 -8.52
N GLY A 462 -15.04 6.62 -8.60
CA GLY A 462 -14.57 7.24 -9.83
C GLY A 462 -15.71 7.34 -10.82
N THR A 463 -15.46 8.03 -11.94
CA THR A 463 -16.52 8.17 -12.94
C THR A 463 -15.91 8.54 -14.28
N SER A 464 -16.67 8.28 -15.33
CA SER A 464 -16.40 8.85 -16.65
C SER A 464 -17.27 10.07 -16.95
N ARG A 465 -18.24 10.39 -16.10
CA ARG A 465 -19.17 11.49 -16.39
C ARG A 465 -19.55 12.25 -15.13
N ASP A 466 -18.74 13.25 -14.78
CA ASP A 466 -19.14 14.20 -13.76
C ASP A 466 -20.09 15.20 -14.41
N LEU A 467 -20.36 16.31 -13.73
CA LEU A 467 -21.32 17.27 -14.27
C LEU A 467 -20.73 18.12 -15.39
N TYR A 468 -19.44 17.97 -15.69
CA TYR A 468 -18.77 18.57 -16.84
C TYR A 468 -18.54 17.53 -17.93
N ASN A 469 -19.24 16.39 -17.85
CA ASN A 469 -19.15 15.33 -18.85
C ASN A 469 -17.72 14.79 -18.97
N GLY A 470 -17.00 14.75 -17.83
CA GLY A 470 -15.62 14.30 -17.83
C GLY A 470 -15.35 13.26 -16.76
N GLU A 471 -14.20 12.60 -16.92
CA GLU A 471 -13.76 11.56 -16.01
C GLU A 471 -13.19 12.13 -14.72
N ARG A 472 -13.30 11.36 -13.64
CA ARG A 472 -12.69 11.66 -12.35
C ARG A 472 -12.15 10.36 -11.76
N GLY A 473 -11.01 10.45 -11.09
CA GLY A 473 -10.43 9.29 -10.46
C GLY A 473 -11.23 8.85 -9.25
N ALA A 474 -11.08 7.58 -8.88
CA ALA A 474 -11.54 7.18 -7.55
C ALA A 474 -10.90 8.05 -6.49
N ILE A 475 -9.62 8.38 -6.67
CA ILE A 475 -8.94 9.47 -5.99
C ILE A 475 -8.63 10.50 -7.06
N ASP A 476 -9.09 11.74 -6.87
CA ASP A 476 -8.98 12.76 -7.91
C ASP A 476 -8.32 14.00 -7.34
N LEU A 477 -7.20 14.40 -7.93
CA LEU A 477 -6.44 15.55 -7.49
C LEU A 477 -6.36 16.55 -8.63
N GLU A 478 -6.78 17.77 -8.37
CA GLU A 478 -6.91 18.79 -9.40
C GLU A 478 -6.22 20.06 -8.93
N ALA A 479 -5.13 20.44 -9.59
CA ALA A 479 -4.42 21.67 -9.26
C ALA A 479 -5.00 22.78 -10.13
N SER A 480 -6.25 23.12 -9.79
CA SER A 480 -7.06 24.02 -10.61
C SER A 480 -6.36 25.36 -10.78
N ASN A 481 -5.92 25.96 -9.68
CA ASN A 481 -5.27 27.26 -9.78
C ASN A 481 -3.96 27.18 -9.00
N ASP A 482 -4.02 26.91 -7.72
CA ASP A 482 -2.82 26.74 -6.91
C ASP A 482 -2.42 25.26 -6.88
N PRO A 483 -1.21 24.95 -6.43
CA PRO A 483 -0.77 23.55 -6.41
C PRO A 483 -1.42 22.73 -5.29
N ILE A 484 -1.45 21.43 -5.52
CA ILE A 484 -1.69 20.46 -4.44
C ILE A 484 -0.33 20.06 -3.91
N LYS A 485 -0.15 20.20 -2.59
CA LYS A 485 1.17 20.08 -1.97
C LYS A 485 1.09 19.39 -0.62
N ASN A 486 2.02 18.45 -0.38
CA ASN A 486 2.23 17.78 0.91
C ASN A 486 1.02 16.92 1.31
N VAL A 487 0.85 15.85 0.53
CA VAL A 487 -0.26 14.91 0.75
C VAL A 487 0.31 13.49 0.71
N THR A 488 -0.09 12.68 1.67
CA THR A 488 0.32 11.28 1.74
C THR A 488 -0.91 10.41 1.80
N PHE A 489 -0.93 9.35 0.99
CA PHE A 489 -1.96 8.31 0.98
C PHE A 489 -1.28 7.02 1.40
N THR A 490 -1.80 6.37 2.44
CA THR A 490 -1.16 5.14 2.92
C THR A 490 -2.20 4.08 3.23
N ASN A 491 -1.97 2.85 2.76
CA ASN A 491 -2.88 1.73 3.04
C ASN A 491 -4.28 2.01 2.48
N ILE A 492 -4.35 2.17 1.16
CA ILE A 492 -5.62 2.43 0.49
C ILE A 492 -5.90 1.26 -0.44
N ASP A 493 -7.10 0.71 -0.34
CA ASP A 493 -7.56 -0.33 -1.27
C ASP A 493 -8.61 0.29 -2.18
N ILE A 494 -8.37 0.22 -3.49
CA ILE A 494 -9.23 0.84 -4.48
C ILE A 494 -9.74 -0.27 -5.39
N ILE A 495 -11.04 -0.58 -5.29
CA ILE A 495 -11.61 -1.78 -5.86
C ILE A 495 -12.65 -1.43 -6.91
N ASN A 496 -12.53 -2.04 -8.10
CA ASN A 496 -13.53 -1.95 -9.16
C ASN A 496 -13.88 -0.50 -9.53
N THR A 497 -12.84 0.27 -9.83
CA THR A 497 -13.01 1.66 -10.19
C THR A 497 -13.65 1.79 -11.57
N GLN A 498 -14.52 2.80 -11.71
CA GLN A 498 -15.27 2.99 -12.96
C GLN A 498 -14.34 3.38 -14.11
N ARG A 499 -13.54 4.43 -13.93
CA ARG A 499 -12.55 4.80 -14.94
C ARG A 499 -11.16 4.61 -14.36
N SER A 500 -10.38 5.67 -14.14
CA SER A 500 -9.03 5.49 -13.60
C SER A 500 -9.03 5.59 -12.07
N ALA A 501 -8.18 4.78 -11.44
CA ALA A 501 -8.17 4.74 -9.97
C ALA A 501 -7.64 6.04 -9.37
N ILE A 502 -6.52 6.54 -9.88
CA ILE A 502 -5.89 7.75 -9.34
C ILE A 502 -5.66 8.71 -10.50
N GLN A 503 -6.14 9.95 -10.36
CA GLN A 503 -6.16 10.92 -11.46
C GLN A 503 -5.58 12.26 -10.99
N PHE A 504 -4.66 12.82 -11.78
CA PHE A 504 -4.03 14.12 -11.53
C PHE A 504 -4.25 15.01 -12.74
N GLY A 505 -4.61 16.26 -12.52
CA GLY A 505 -4.68 17.17 -13.65
C GLY A 505 -4.81 18.62 -13.26
N TYR A 506 -4.97 19.45 -14.32
CA TYR A 506 -4.84 20.91 -14.29
C TYR A 506 -3.39 21.29 -13.98
N GLY A 507 -3.04 22.55 -14.16
CA GLY A 507 -1.67 22.98 -14.28
C GLY A 507 -1.05 23.66 -13.07
N GLY A 508 -1.73 23.69 -11.93
CA GLY A 508 -1.22 24.44 -10.79
C GLY A 508 -0.03 23.80 -10.10
N GLY A 509 0.22 22.52 -10.33
CA GLY A 509 1.40 21.87 -9.79
C GLY A 509 1.05 20.80 -8.76
N PHE A 510 1.90 19.78 -8.67
CA PHE A 510 1.79 18.72 -7.68
C PHE A 510 3.14 18.51 -7.02
N GLU A 511 3.21 18.74 -5.70
CA GLU A 511 4.46 18.77 -4.97
C GLU A 511 4.38 17.90 -3.72
N ASN A 512 5.34 16.99 -3.57
CA ASN A 512 5.43 16.10 -2.41
C ASN A 512 4.11 15.34 -2.19
N ILE A 513 3.69 14.62 -3.23
CA ILE A 513 2.52 13.75 -3.15
C ILE A 513 3.03 12.31 -3.12
N VAL A 514 2.73 11.59 -2.02
CA VAL A 514 3.28 10.25 -1.79
C VAL A 514 2.14 9.27 -1.56
N PHE A 515 2.24 8.10 -2.21
CA PHE A 515 1.25 7.03 -2.13
C PHE A 515 1.96 5.76 -1.67
N ASN A 516 1.69 5.32 -0.44
CA ASN A 516 2.34 4.13 0.09
C ASN A 516 1.33 3.02 0.32
N ASN A 517 1.70 1.79 -0.04
CA ASN A 517 0.88 0.60 0.23
C ASN A 517 -0.52 0.75 -0.38
N ILE A 518 -0.56 1.03 -1.68
CA ILE A 518 -1.82 1.16 -2.42
C ILE A 518 -2.10 -0.15 -3.15
N ASN A 519 -3.33 -0.64 -3.05
CA ASN A 519 -3.77 -1.82 -3.80
C ASN A 519 -4.89 -1.40 -4.74
N ILE A 520 -4.66 -1.56 -6.05
CA ILE A 520 -5.64 -1.19 -7.06
C ILE A 520 -6.10 -2.46 -7.75
N ASN A 521 -7.35 -2.83 -7.53
CA ASN A 521 -7.88 -4.08 -8.02
C ASN A 521 -9.10 -3.76 -8.88
N GLY A 522 -8.89 -3.67 -10.19
CA GLY A 522 -9.98 -3.39 -11.11
C GLY A 522 -10.08 -1.92 -11.46
N ALA A 523 -9.91 -1.59 -12.73
CA ALA A 523 -10.08 -0.22 -13.18
C ALA A 523 -10.63 -0.24 -14.59
N GLY A 524 -11.26 0.88 -14.99
CA GLY A 524 -11.92 0.91 -16.27
C GLY A 524 -13.16 0.05 -16.35
N LYS A 525 -13.83 -0.17 -15.22
CA LYS A 525 -14.95 -1.10 -15.21
C LYS A 525 -16.19 -0.54 -15.89
N ASP A 526 -16.25 0.78 -16.17
CA ASP A 526 -17.40 1.28 -16.92
C ASP A 526 -17.27 1.07 -18.43
N GLY A 527 -16.11 0.66 -18.92
CA GLY A 527 -15.91 0.43 -20.34
C GLY A 527 -15.89 1.67 -21.20
N VAL A 528 -15.94 2.86 -20.61
CA VAL A 528 -15.98 4.10 -21.38
C VAL A 528 -14.58 4.42 -21.88
N LEU A 529 -14.50 4.79 -23.16
CA LEU A 529 -13.21 5.14 -23.75
C LEU A 529 -13.09 6.62 -24.09
N THR A 530 -14.19 7.32 -24.32
CA THR A 530 -14.13 8.75 -24.60
C THR A 530 -13.57 9.49 -23.39
N SER A 531 -12.96 10.64 -23.64
CA SER A 531 -12.26 11.37 -22.59
C SER A 531 -12.49 12.86 -22.75
N ARG A 532 -12.79 13.53 -21.63
CA ARG A 532 -12.82 14.99 -21.63
C ARG A 532 -11.43 15.56 -21.83
N PHE A 533 -10.44 15.05 -21.09
CA PHE A 533 -9.16 15.72 -20.99
C PHE A 533 -8.12 15.24 -21.99
N SER A 534 -8.24 14.01 -22.49
CA SER A 534 -7.13 13.40 -23.21
C SER A 534 -7.67 12.66 -24.42
N SER A 535 -6.78 11.92 -25.06
CA SER A 535 -7.19 11.02 -26.11
C SER A 535 -7.93 9.84 -25.52
N PRO A 536 -8.73 9.13 -26.33
CA PRO A 536 -9.50 8.01 -25.79
C PRO A 536 -8.61 6.97 -25.12
N HIS A 537 -9.15 6.34 -24.08
CA HIS A 537 -8.35 5.38 -23.32
C HIS A 537 -9.21 4.59 -22.37
N PRO A 538 -8.89 3.32 -22.13
CA PRO A 538 -9.54 2.58 -21.04
C PRO A 538 -9.05 3.12 -19.71
N GLY A 539 -9.84 2.90 -18.66
CA GLY A 539 -9.45 3.36 -17.34
C GLY A 539 -8.14 2.72 -16.91
N ALA A 540 -7.29 3.51 -16.28
CA ALA A 540 -5.96 3.08 -15.85
C ALA A 540 -5.84 3.04 -14.33
N ALA A 541 -4.73 2.46 -13.88
CA ALA A 541 -4.38 2.54 -12.45
C ALA A 541 -4.02 3.98 -12.07
N ILE A 542 -3.17 4.63 -12.86
CA ILE A 542 -2.74 6.00 -12.61
C ILE A 542 -2.86 6.79 -13.90
N TYR A 543 -3.41 7.98 -13.81
CA TYR A 543 -3.76 8.82 -14.95
C TYR A 543 -3.37 10.26 -14.64
N THR A 544 -2.65 10.91 -15.56
CA THR A 544 -2.50 12.35 -15.47
C THR A 544 -2.87 12.97 -16.82
N TYR A 545 -3.46 14.15 -16.75
CA TYR A 545 -3.71 14.99 -17.92
C TYR A 545 -3.04 16.35 -17.73
N THR A 546 -1.97 16.37 -16.94
CA THR A 546 -1.04 17.48 -16.87
C THR A 546 0.38 16.93 -16.94
N GLY A 547 1.27 17.71 -17.53
CA GLY A 547 2.69 17.42 -17.50
C GLY A 547 3.43 18.12 -16.38
N ASN A 548 2.72 18.88 -15.55
CA ASN A 548 3.31 19.63 -14.45
C ASN A 548 2.99 18.92 -13.15
N GLY A 549 3.93 18.14 -12.64
CA GLY A 549 3.70 17.52 -11.35
C GLY A 549 4.59 16.32 -11.14
N SER A 550 4.59 15.85 -9.89
CA SER A 550 5.32 14.66 -9.48
C SER A 550 4.46 13.88 -8.50
N ALA A 551 4.68 12.57 -8.45
CA ALA A 551 4.07 11.72 -7.44
C ALA A 551 4.94 10.48 -7.26
N THR A 552 5.05 10.01 -6.03
CA THR A 552 5.88 8.86 -5.69
C THR A 552 5.00 7.76 -5.09
N PHE A 553 5.10 6.56 -5.64
CA PHE A 553 4.41 5.39 -5.14
C PHE A 553 5.45 4.42 -4.57
N ASN A 554 5.20 3.96 -3.35
CA ASN A 554 5.97 2.89 -2.74
C ASN A 554 5.03 1.73 -2.46
N ASN A 555 5.41 0.52 -2.88
CA ASN A 555 4.61 -0.68 -2.65
C ASN A 555 3.20 -0.53 -3.22
N LEU A 556 3.15 -0.38 -4.54
CA LEU A 556 1.91 -0.35 -5.28
C LEU A 556 1.63 -1.76 -5.82
N THR A 557 0.41 -2.24 -5.66
CA THR A 557 -0.01 -3.46 -6.34
C THR A 557 -1.18 -3.16 -7.26
N THR A 558 -1.22 -3.84 -8.42
CA THR A 558 -2.32 -3.68 -9.36
C THR A 558 -2.85 -5.04 -9.78
N ASN A 559 -4.08 -5.02 -10.29
CA ASN A 559 -4.76 -6.19 -10.82
C ASN A 559 -5.96 -5.74 -11.61
N ASP A 560 -6.22 -6.39 -12.76
CA ASP A 560 -7.46 -6.19 -13.53
C ASP A 560 -7.58 -4.76 -14.03
N ILE A 561 -6.49 -4.22 -14.58
CA ILE A 561 -6.45 -2.85 -15.08
C ILE A 561 -6.86 -2.86 -16.56
N ALA A 562 -7.92 -2.11 -16.89
CA ALA A 562 -8.36 -2.07 -18.29
C ALA A 562 -7.26 -1.54 -19.21
N HIS A 563 -6.56 -0.48 -18.80
CA HIS A 563 -5.55 0.12 -19.67
C HIS A 563 -4.35 -0.81 -19.80
N PRO A 564 -3.99 -1.26 -21.00
CA PRO A 564 -2.89 -2.23 -21.14
C PRO A 564 -1.54 -1.73 -20.63
N ASN A 565 -1.34 -0.41 -20.56
CA ASN A 565 -0.08 0.14 -20.06
C ASN A 565 -0.06 0.35 -18.56
N LEU A 566 -1.18 0.08 -17.86
CA LEU A 566 -1.33 0.30 -16.42
C LEU A 566 -1.37 1.78 -16.06
N TYR A 567 -0.47 2.57 -16.65
CA TYR A 567 -0.44 4.00 -16.41
C TYR A 567 -0.71 4.74 -17.71
N PHE A 568 -1.26 5.93 -17.58
CA PHE A 568 -1.51 6.81 -18.73
C PHE A 568 -1.12 8.21 -18.26
N ILE A 569 0.15 8.56 -18.50
CA ILE A 569 0.78 9.73 -17.91
C ILE A 569 1.11 10.72 -19.01
N GLN A 570 0.70 11.97 -18.83
CA GLN A 570 1.04 12.99 -19.82
C GLN A 570 2.52 13.32 -19.73
N ASN A 571 3.14 13.51 -20.89
CA ASN A 571 4.58 13.76 -20.93
C ASN A 571 4.94 14.96 -20.07
N GLY A 572 5.98 14.80 -19.25
CA GLY A 572 6.44 15.83 -18.34
C GLY A 572 6.17 15.52 -16.88
N PHE A 573 5.11 14.76 -16.60
CA PHE A 573 4.78 14.41 -15.22
C PHE A 573 5.77 13.37 -14.71
N ASN A 574 6.33 13.62 -13.53
CA ASN A 574 7.39 12.79 -12.93
C ASN A 574 6.75 11.77 -11.98
N LEU A 575 6.52 10.56 -12.47
CA LEU A 575 5.92 9.49 -11.69
C LEU A 575 6.99 8.49 -11.30
N THR A 576 7.16 8.27 -10.00
CA THR A 576 8.08 7.28 -9.47
C THR A 576 7.26 6.13 -8.87
N ILE A 577 7.58 4.89 -9.25
CA ILE A 577 6.92 3.72 -8.70
C ILE A 577 8.00 2.75 -8.26
N GLN A 578 8.14 2.57 -6.95
CA GLN A 578 9.25 1.81 -6.37
C GLN A 578 8.77 0.95 -5.19
N HIS B 3 -1.84 -10.58 -8.10
CA HIS B 3 -1.51 -9.16 -8.02
C HIS B 3 -0.11 -8.89 -8.56
N MET B 4 0.06 -7.73 -9.20
CA MET B 4 1.36 -7.28 -9.68
C MET B 4 1.98 -6.34 -8.66
N ASN B 5 3.21 -6.65 -8.25
CA ASN B 5 3.92 -5.77 -7.32
C ASN B 5 4.73 -4.78 -8.14
N LEU B 6 4.08 -3.68 -8.51
CA LEU B 6 4.54 -2.83 -9.60
C LEU B 6 5.74 -1.98 -9.23
N VAL B 7 6.76 -2.01 -10.09
CA VAL B 7 7.91 -1.13 -10.00
C VAL B 7 8.27 -0.73 -11.43
N VAL B 8 8.58 0.54 -11.64
CA VAL B 8 9.11 0.97 -12.93
C VAL B 8 10.59 0.59 -12.97
N TYR B 9 10.95 -0.30 -13.88
CA TYR B 9 12.28 -0.88 -13.86
C TYR B 9 13.33 0.09 -14.39
N ALA B 10 14.55 -0.06 -13.89
CA ALA B 10 15.69 0.64 -14.46
C ALA B 10 16.02 0.05 -15.82
N GLN B 11 16.92 0.73 -16.56
CA GLN B 11 17.35 0.16 -17.84
C GLN B 11 18.17 -1.10 -17.62
N ARG B 12 19.05 -1.07 -16.62
CA ARG B 12 19.79 -2.25 -16.17
C ARG B 12 19.90 -2.18 -14.65
N GLY B 13 19.89 -3.36 -14.02
CA GLY B 13 19.93 -3.43 -12.58
C GLY B 13 18.55 -3.29 -11.96
N ALA B 14 18.52 -3.37 -10.63
CA ALA B 14 17.29 -3.24 -9.86
C ALA B 14 16.93 -1.77 -9.65
N SER B 15 15.63 -1.53 -9.45
CA SER B 15 15.11 -0.20 -9.12
C SER B 15 14.66 -0.23 -7.66
N MET B 16 15.39 0.46 -6.81
CA MET B 16 15.19 0.42 -5.37
C MET B 16 14.92 1.83 -4.85
N PRO B 17 14.27 1.96 -3.68
CA PRO B 17 13.96 3.31 -3.17
C PRO B 17 15.13 4.03 -2.53
N TYR B 18 16.27 3.36 -2.31
CA TYR B 18 17.40 4.03 -1.69
C TYR B 18 18.34 4.64 -2.74
N THR B 19 19.10 5.63 -2.31
CA THR B 19 20.23 6.15 -3.08
C THR B 19 21.49 5.92 -2.27
N ARG B 20 22.63 5.85 -2.95
CA ARG B 20 23.87 5.54 -2.26
C ARG B 20 24.73 6.76 -1.98
N TYR B 21 25.29 6.77 -0.77
CA TYR B 21 26.28 7.73 -0.31
C TYR B 21 27.56 6.94 -0.11
N ASP B 22 28.44 6.93 -1.13
CA ASP B 22 29.55 6.00 -1.11
C ASP B 22 30.82 6.72 -0.66
N THR B 23 31.93 5.98 -0.75
CA THR B 23 33.16 6.37 -0.07
C THR B 23 33.64 7.76 -0.46
N ASP B 24 33.72 8.03 -1.77
CA ASP B 24 34.32 9.26 -2.23
C ASP B 24 33.39 10.47 -2.09
N ASP B 25 32.12 10.24 -1.73
CA ASP B 25 31.20 11.34 -1.47
C ASP B 25 31.30 11.88 -0.05
N ALA B 26 32.07 11.23 0.82
CA ALA B 26 32.14 11.58 2.23
C ALA B 26 33.30 12.52 2.52
N ALA B 27 33.07 13.48 3.43
CA ALA B 27 34.17 14.18 4.07
C ALA B 27 34.74 13.28 5.16
N ARG B 28 36.06 13.24 5.25
CA ARG B 28 36.73 12.45 6.29
C ARG B 28 37.36 13.39 7.31
N GLY B 29 37.39 12.95 8.57
CA GLY B 29 38.04 13.77 9.56
C GLY B 29 38.37 13.00 10.83
N GLY B 30 39.05 13.70 11.73
CA GLY B 30 39.30 13.18 13.06
C GLY B 30 40.16 11.93 13.12
N GLY B 31 40.95 11.66 12.08
CA GLY B 31 41.76 10.45 12.02
C GLY B 31 41.26 9.43 11.01
N ALA B 32 40.09 9.65 10.42
CA ALA B 32 39.59 8.74 9.39
C ALA B 32 40.54 8.74 8.19
N THR B 33 40.76 7.56 7.62
CA THR B 33 41.66 7.42 6.49
C THR B 33 40.97 6.67 5.35
N LEU B 34 41.40 6.97 4.13
CA LEU B 34 40.93 6.25 2.95
C LEU B 34 41.79 5.00 2.77
N GLN B 35 41.16 3.82 2.76
CA GLN B 35 41.82 2.56 2.52
C GLN B 35 41.40 2.04 1.16
N SER B 36 42.36 1.67 0.31
CA SER B 36 42.02 1.17 -1.02
C SER B 36 42.84 -0.05 -1.35
N ALA B 37 42.31 -0.85 -2.29
CA ALA B 37 42.98 -2.05 -2.79
C ALA B 37 42.92 -2.04 -4.31
N PRO B 38 43.61 -1.08 -4.94
CA PRO B 38 43.41 -0.88 -6.38
C PRO B 38 43.90 -2.02 -7.25
N ASN B 39 44.80 -2.86 -6.74
CA ASN B 39 45.22 -4.05 -7.48
C ASN B 39 44.42 -5.30 -7.11
N PHE B 40 43.32 -5.13 -6.37
CA PHE B 40 42.38 -6.21 -6.02
C PHE B 40 43.01 -7.26 -5.12
N ASP B 41 44.06 -6.89 -4.37
CA ASP B 41 44.78 -7.83 -3.50
C ASP B 41 43.89 -8.27 -2.35
N GLN B 42 43.58 -9.58 -2.30
CA GLN B 42 42.60 -10.06 -1.33
C GLN B 42 43.14 -10.13 0.10
N ALA B 43 44.44 -9.92 0.29
CA ALA B 43 44.96 -9.79 1.65
C ALA B 43 44.45 -8.50 2.32
N LEU B 44 44.05 -7.51 1.52
CA LEU B 44 43.58 -6.23 2.03
C LEU B 44 42.07 -6.25 2.24
N THR B 45 41.63 -5.75 3.39
CA THR B 45 40.19 -5.64 3.64
C THR B 45 39.51 -4.83 2.54
N ALA B 46 40.18 -3.79 2.03
CA ALA B 46 39.55 -2.96 1.02
C ALA B 46 39.24 -3.71 -0.28
N SER B 47 39.80 -4.90 -0.49
CA SER B 47 39.45 -5.66 -1.70
C SER B 47 37.96 -6.01 -1.74
N GLU B 48 37.28 -6.01 -0.60
CA GLU B 48 35.86 -6.31 -0.54
C GLU B 48 35.01 -5.06 -0.36
N ALA B 49 35.60 -3.87 -0.35
CA ALA B 49 34.80 -2.65 -0.33
C ALA B 49 34.31 -2.32 -1.73
N SER B 50 33.17 -1.63 -1.81
CA SER B 50 32.70 -1.18 -3.12
C SER B 50 33.76 -0.27 -3.71
N GLY B 51 34.06 -0.46 -4.99
CA GLY B 51 35.11 0.31 -5.65
C GLY B 51 36.50 0.09 -5.07
N GLN B 52 36.65 -0.98 -4.27
CA GLN B 52 37.90 -1.32 -3.60
C GLN B 52 38.41 -0.19 -2.71
N ARG B 53 37.49 0.57 -2.10
CA ARG B 53 37.82 1.72 -1.28
C ARG B 53 36.81 1.84 -0.15
N TYR B 54 37.28 2.18 1.04
CA TYR B 54 36.38 2.49 2.14
C TYR B 54 37.07 3.47 3.08
N ILE B 55 36.31 3.95 4.06
CA ILE B 55 36.84 4.87 5.06
C ILE B 55 37.11 4.09 6.34
N ALA B 56 38.38 4.05 6.75
CA ALA B 56 38.73 3.46 8.03
C ALA B 56 38.54 4.48 9.13
N LEU B 57 37.98 4.05 10.26
CA LEU B 57 37.75 4.89 11.43
C LEU B 57 38.59 4.31 12.56
N PRO B 58 39.87 4.70 12.66
CA PRO B 58 40.78 3.98 13.56
C PRO B 58 40.67 4.39 15.02
N SER B 59 40.26 5.63 15.30
CA SER B 59 40.45 6.21 16.62
C SER B 59 39.21 6.99 17.06
N ASN B 60 39.13 7.26 18.36
CA ASN B 60 38.08 8.13 18.89
C ASN B 60 38.01 9.43 18.11
N GLY B 61 36.83 9.75 17.60
CA GLY B 61 36.62 10.97 16.85
C GLY B 61 36.73 10.86 15.34
N SER B 62 37.26 9.74 14.84
CA SER B 62 37.33 9.53 13.40
C SER B 62 35.93 9.47 12.81
N TYR B 63 35.72 10.14 11.68
CA TYR B 63 34.37 10.16 11.14
C TYR B 63 34.37 10.22 9.62
N ALA B 64 33.22 9.86 9.06
CA ALA B 64 32.87 10.06 7.66
C ALA B 64 31.56 10.81 7.64
N GLN B 65 31.45 11.84 6.81
CA GLN B 65 30.25 12.67 6.83
C GLN B 65 29.79 12.93 5.41
N TRP B 66 28.48 12.79 5.17
CA TRP B 66 27.89 13.05 3.88
C TRP B 66 26.88 14.19 3.98
N THR B 67 26.60 14.82 2.84
CA THR B 67 25.53 15.80 2.73
C THR B 67 24.42 15.25 1.84
N ILE B 68 23.18 15.25 2.35
CA ILE B 68 22.06 14.71 1.57
C ILE B 68 21.85 15.55 0.33
N ARG B 69 21.72 14.88 -0.82
CA ARG B 69 21.61 15.54 -2.11
C ARG B 69 20.20 16.09 -2.34
N PRO B 70 20.06 17.06 -3.25
CA PRO B 70 18.72 17.51 -3.64
C PRO B 70 17.84 16.35 -4.09
N GLY B 71 16.60 16.35 -3.61
CA GLY B 71 15.64 15.32 -3.94
C GLY B 71 15.84 13.99 -3.23
N GLU B 72 16.80 13.89 -2.32
CA GLU B 72 17.11 12.64 -1.66
C GLU B 72 16.85 12.76 -0.17
N GLY B 73 17.08 11.67 0.56
CA GLY B 73 16.89 11.65 1.99
C GLY B 73 15.99 10.51 2.41
N GLY B 74 15.43 10.63 3.61
CA GLY B 74 14.54 9.65 4.18
C GLY B 74 15.01 9.23 5.56
N ASP B 75 14.22 8.37 6.18
CA ASP B 75 14.51 7.94 7.54
C ASP B 75 15.05 6.51 7.63
N GLY B 76 15.18 5.80 6.52
CA GLY B 76 15.75 4.46 6.53
C GLY B 76 17.18 4.48 6.05
N VAL B 77 18.09 4.00 6.89
CA VAL B 77 19.52 4.02 6.59
C VAL B 77 20.07 2.61 6.67
N THR B 78 20.77 2.18 5.63
CA THR B 78 21.56 0.96 5.66
C THR B 78 23.03 1.34 5.57
N MET B 79 23.86 0.70 6.38
CA MET B 79 25.30 0.94 6.36
C MET B 79 26.05 -0.36 6.07
N ARG B 80 26.95 -0.33 5.10
CA ARG B 80 27.89 -1.43 4.87
C ARG B 80 29.21 -1.08 5.55
N PHE B 81 29.67 -1.97 6.42
CA PHE B 81 30.75 -1.67 7.35
C PHE B 81 31.63 -2.89 7.52
N THR B 82 32.77 -2.70 8.19
CA THR B 82 33.61 -3.80 8.60
C THR B 82 34.13 -3.51 10.00
N MET B 83 34.38 -4.58 10.75
CA MET B 83 35.02 -4.47 12.05
C MET B 83 35.73 -5.79 12.31
N PRO B 84 36.71 -5.82 13.21
CA PRO B 84 37.53 -7.02 13.36
C PRO B 84 36.74 -8.19 13.93
N ASP B 85 37.20 -9.39 13.55
CA ASP B 85 36.79 -10.63 14.16
C ASP B 85 37.50 -10.81 15.50
N SER B 86 36.99 -11.72 16.31
CA SER B 86 37.71 -12.13 17.51
C SER B 86 38.70 -13.24 17.18
N ALA B 87 39.62 -13.48 18.13
CA ALA B 87 40.61 -14.53 17.94
C ALA B 87 39.97 -15.91 17.80
N ASN B 88 38.87 -16.16 18.50
CA ASN B 88 38.23 -17.46 18.43
C ASN B 88 37.16 -17.56 17.34
N GLY B 89 37.01 -16.52 16.50
CA GLY B 89 36.08 -16.59 15.39
C GLY B 89 34.62 -16.43 15.75
N MET B 90 34.31 -16.08 17.00
CA MET B 90 32.93 -15.83 17.40
C MET B 90 32.47 -14.41 17.11
N GLY B 91 33.39 -13.52 16.75
CA GLY B 91 33.04 -12.14 16.47
C GLY B 91 33.20 -11.24 17.68
N LEU B 92 33.23 -9.94 17.41
CA LEU B 92 33.27 -8.91 18.45
C LEU B 92 31.99 -8.08 18.35
N ASN B 93 31.59 -7.49 19.49
CA ASN B 93 30.49 -6.55 19.52
C ASN B 93 31.03 -5.14 19.72
N GLY B 94 30.42 -4.18 19.07
CA GLY B 94 30.81 -2.80 19.18
C GLY B 94 29.69 -1.87 18.74
N SER B 95 30.07 -0.70 18.25
CA SER B 95 29.09 0.30 17.87
C SER B 95 29.79 1.43 17.11
N LEU B 96 28.97 2.21 16.39
CA LEU B 96 29.35 3.49 15.84
C LEU B 96 28.23 4.49 16.11
N ASP B 97 28.58 5.77 16.17
CA ASP B 97 27.62 6.82 16.47
C ASP B 97 27.16 7.50 15.18
N VAL B 98 25.92 7.98 15.19
CA VAL B 98 25.36 8.71 14.07
C VAL B 98 25.07 10.15 14.52
N TYR B 99 25.55 11.11 13.76
CA TYR B 99 25.29 12.53 13.98
C TYR B 99 24.51 13.08 12.81
N VAL B 100 23.57 13.96 13.10
CA VAL B 100 22.82 14.67 12.06
C VAL B 100 23.02 16.16 12.32
N ASN B 101 23.54 16.86 11.31
CA ASN B 101 23.84 18.28 11.42
C ASN B 101 24.67 18.58 12.68
N GLY B 102 25.61 17.67 12.98
CA GLY B 102 26.55 17.87 14.07
C GLY B 102 26.04 17.51 15.45
N VAL B 103 24.82 16.96 15.56
CA VAL B 103 24.20 16.62 16.83
C VAL B 103 24.05 15.10 16.89
N LYS B 104 24.47 14.51 18.00
CA LYS B 104 24.40 13.05 18.14
C LYS B 104 22.95 12.59 18.08
N ALA B 105 22.66 11.67 17.16
CA ALA B 105 21.31 11.15 16.95
C ALA B 105 21.15 9.71 17.39
N LYS B 106 22.16 8.86 17.22
CA LYS B 106 21.97 7.45 17.53
C LYS B 106 23.31 6.80 17.78
N THR B 107 23.29 5.75 18.60
CA THR B 107 24.39 4.81 18.69
C THR B 107 23.91 3.48 18.11
N VAL B 108 24.62 2.99 17.10
CA VAL B 108 24.19 1.84 16.34
C VAL B 108 25.06 0.65 16.76
N PRO B 109 24.49 -0.37 17.40
CA PRO B 109 25.29 -1.55 17.76
C PRO B 109 25.71 -2.31 16.51
N LEU B 110 26.92 -2.86 16.57
CA LEU B 110 27.49 -3.61 15.45
C LEU B 110 28.14 -4.87 15.97
N THR B 111 28.23 -5.88 15.09
CA THR B 111 28.93 -7.09 15.47
C THR B 111 29.61 -7.67 14.23
N SER B 112 30.71 -8.39 14.45
CA SER B 112 31.32 -9.21 13.42
C SER B 112 30.89 -10.68 13.52
N TYR B 113 29.87 -10.98 14.33
CA TYR B 113 29.44 -12.37 14.53
C TYR B 113 29.08 -13.06 13.22
N TYR B 114 28.30 -12.38 12.36
CA TYR B 114 27.82 -13.06 11.15
C TYR B 114 28.89 -13.18 10.08
N SER B 115 29.76 -12.18 9.97
CA SER B 115 30.73 -12.08 8.89
C SER B 115 32.02 -12.83 9.27
N TRP B 116 33.01 -12.74 8.36
CA TRP B 116 34.34 -13.34 8.45
C TRP B 116 34.29 -14.86 8.27
N GLN B 117 34.80 -15.30 7.13
CA GLN B 117 35.00 -16.71 6.77
C GLN B 117 36.43 -16.86 6.27
N TYR B 118 37.03 -18.01 6.52
CA TYR B 118 38.48 -18.16 6.33
C TYR B 118 38.79 -19.37 5.44
N PHE B 119 39.72 -19.18 4.50
CA PHE B 119 39.97 -20.16 3.44
C PHE B 119 41.43 -20.57 3.38
N SER B 120 41.68 -21.86 3.60
CA SER B 120 42.94 -22.50 3.27
C SER B 120 42.74 -23.57 2.21
N SER B 121 41.50 -23.73 1.76
CA SER B 121 41.10 -24.63 0.70
C SER B 121 39.84 -24.01 0.09
N ASP B 122 39.11 -24.79 -0.70
CA ASP B 122 37.84 -24.31 -1.22
C ASP B 122 36.68 -24.50 -0.24
N HIS B 123 36.97 -24.88 1.00
CA HIS B 123 35.95 -24.97 2.04
C HIS B 123 36.22 -23.94 3.13
N PRO B 124 35.25 -23.12 3.49
CA PRO B 124 35.49 -22.11 4.52
C PRO B 124 35.68 -22.74 5.89
N ALA B 125 36.52 -22.10 6.69
CA ALA B 125 36.65 -22.39 8.11
C ALA B 125 36.14 -21.18 8.90
N ASP B 126 35.83 -21.42 10.17
CA ASP B 126 35.03 -20.48 10.95
C ASP B 126 35.85 -19.61 11.90
N THR B 127 37.15 -19.82 11.97
CA THR B 127 38.02 -19.07 12.87
C THR B 127 39.26 -18.59 12.13
N PRO B 128 39.90 -17.52 12.61
CA PRO B 128 41.07 -16.97 11.92
C PRO B 128 42.22 -17.94 11.74
N ALA B 129 42.29 -19.00 12.56
CA ALA B 129 43.33 -20.00 12.35
C ALA B 129 43.10 -20.81 11.07
N GLY B 130 41.95 -20.64 10.41
CA GLY B 130 41.58 -21.48 9.30
C GLY B 130 42.03 -21.05 7.92
N GLY B 131 42.58 -19.86 7.75
CA GLY B 131 43.04 -19.42 6.44
C GLY B 131 42.88 -17.92 6.27
N ARG B 132 42.88 -17.50 5.02
CA ARG B 132 42.80 -16.06 4.73
C ARG B 132 41.34 -15.59 4.74
N PRO B 133 41.11 -14.34 5.13
CA PRO B 133 39.73 -13.89 5.36
C PRO B 133 39.01 -13.41 4.11
N LEU B 134 37.72 -13.75 4.04
CA LEU B 134 36.75 -13.12 3.15
C LEU B 134 35.50 -12.84 3.96
N PHE B 135 34.46 -12.27 3.34
CA PHE B 135 33.26 -11.86 4.07
C PHE B 135 33.63 -10.84 5.16
N ARG B 136 34.50 -9.89 4.81
CA ARG B 136 34.97 -8.95 5.82
C ARG B 136 34.00 -7.80 6.05
N PHE B 137 33.02 -7.59 5.16
CA PHE B 137 32.02 -6.55 5.31
C PHE B 137 30.66 -7.15 5.62
N ASP B 138 29.82 -6.35 6.28
CA ASP B 138 28.47 -6.74 6.62
C ASP B 138 27.61 -5.48 6.57
N GLU B 139 26.33 -5.63 6.87
CA GLU B 139 25.42 -4.49 6.87
C GLU B 139 24.58 -4.47 8.13
N VAL B 140 24.12 -3.27 8.47
CA VAL B 140 23.06 -3.08 9.45
C VAL B 140 22.14 -1.99 8.91
N HIS B 141 20.92 -1.95 9.41
CA HIS B 141 20.03 -0.87 9.04
C HIS B 141 19.26 -0.40 10.26
N TRP B 142 18.86 0.88 10.23
CA TRP B 142 18.13 1.47 11.34
C TRP B 142 17.25 2.58 10.79
N LYS B 143 16.33 3.05 11.63
CA LYS B 143 15.44 4.14 11.27
C LYS B 143 15.80 5.40 12.07
N MET B 144 15.85 6.53 11.38
CA MET B 144 16.04 7.81 12.04
C MET B 144 14.72 8.28 12.65
N ASP B 145 14.80 9.09 13.69
CA ASP B 145 13.57 9.56 14.32
C ASP B 145 12.87 10.60 13.46
N THR B 146 13.63 11.35 12.68
CA THR B 146 13.00 12.18 11.67
C THR B 146 13.73 12.00 10.35
N PRO B 147 13.02 12.10 9.23
CA PRO B 147 13.67 11.87 7.93
C PRO B 147 14.78 12.87 7.65
N LEU B 148 15.86 12.37 7.07
CA LEU B 148 16.94 13.20 6.56
C LEU B 148 16.45 13.98 5.35
N GLN B 149 16.80 15.27 5.29
CA GLN B 149 16.37 16.18 4.23
C GLN B 149 17.57 16.66 3.42
N PRO B 150 17.38 17.05 2.16
CA PRO B 150 18.47 17.66 1.39
C PRO B 150 19.17 18.76 2.17
N GLY B 151 20.50 18.75 2.13
CA GLY B 151 21.30 19.70 2.87
C GLY B 151 21.70 19.27 4.26
N ASP B 152 20.99 18.31 4.86
CA ASP B 152 21.42 17.73 6.12
C ASP B 152 22.77 17.04 5.95
N THR B 153 23.58 17.05 7.01
CA THR B 153 24.77 16.22 7.06
C THR B 153 24.50 15.02 7.95
N ILE B 154 24.93 13.84 7.51
CA ILE B 154 24.87 12.65 8.35
C ILE B 154 26.30 12.15 8.49
N ARG B 155 26.70 11.93 9.73
CA ARG B 155 28.08 11.57 10.07
C ARG B 155 28.09 10.25 10.81
N ILE B 156 28.97 9.35 10.39
CA ILE B 156 29.25 8.11 11.12
C ILE B 156 30.57 8.33 11.84
N GLN B 157 30.54 8.25 13.17
CA GLN B 157 31.70 8.61 13.97
C GLN B 157 32.01 7.53 14.99
N LYS B 158 33.29 7.17 15.08
CA LYS B 158 33.75 6.29 16.14
C LYS B 158 33.85 7.10 17.43
N SER B 159 33.27 6.55 18.50
CA SER B 159 33.21 7.21 19.80
C SER B 159 34.38 6.76 20.68
N GLY B 160 34.34 7.14 21.95
CA GLY B 160 35.34 6.69 22.91
C GLY B 160 35.02 5.36 23.55
N ALA B 161 34.10 4.59 22.94
CA ALA B 161 33.60 3.38 23.57
C ALA B 161 34.63 2.26 23.60
N ASP B 162 35.43 2.09 22.55
CA ASP B 162 36.32 0.94 22.49
C ASP B 162 37.53 1.27 21.64
N SER B 163 38.45 0.30 21.55
CA SER B 163 39.72 0.46 20.84
C SER B 163 39.71 -0.13 19.44
N LEU B 164 38.56 -0.57 18.94
CA LEU B 164 38.49 -1.25 17.65
C LEU B 164 38.53 -0.26 16.50
N GLU B 165 39.26 -0.61 15.45
CA GLU B 165 39.14 0.12 14.19
C GLU B 165 37.93 -0.39 13.43
N TYR B 166 37.11 0.54 12.95
CA TYR B 166 35.94 0.23 12.14
C TYR B 166 36.20 0.73 10.71
N GLY B 167 35.44 0.20 9.78
CA GLY B 167 35.43 0.72 8.42
C GLY B 167 34.02 0.97 7.95
N VAL B 168 33.82 2.07 7.24
CA VAL B 168 32.51 2.36 6.63
C VAL B 168 32.69 2.41 5.13
N ASP B 169 31.89 1.62 4.42
CA ASP B 169 31.92 1.60 2.96
C ASP B 169 30.93 2.63 2.41
N PHE B 170 29.65 2.47 2.72
CA PHE B 170 28.67 3.41 2.20
C PHE B 170 27.43 3.39 3.08
N LEU B 171 26.59 4.39 2.87
CA LEU B 171 25.23 4.41 3.38
C LEU B 171 24.27 4.34 2.21
N GLU B 172 23.12 3.71 2.43
CA GLU B 172 22.01 3.76 1.49
C GLU B 172 20.80 4.28 2.25
N ILE B 173 20.14 5.31 1.71
CA ILE B 173 19.16 6.08 2.47
C ILE B 173 17.87 6.14 1.66
N GLU B 174 16.75 5.88 2.34
CA GLU B 174 15.47 5.80 1.65
C GLU B 174 14.38 6.29 2.60
N ALA B 175 13.28 6.75 2.01
CA ALA B 175 12.08 7.07 2.77
C ALA B 175 11.36 5.78 3.11
N VAL B 176 10.97 5.64 4.37
CA VAL B 176 10.35 4.42 4.87
C VAL B 176 8.83 4.61 4.85
N PRO B 177 8.09 3.81 4.10
CA PRO B 177 6.62 3.91 4.16
C PRO B 177 6.10 3.35 5.47
N ALA B 178 4.92 3.81 5.84
CA ALA B 178 4.29 3.34 7.07
C ALA B 178 4.00 1.85 6.98
N ALA B 179 3.75 1.24 8.14
CA ALA B 179 3.46 -0.18 8.21
C ALA B 179 2.25 -0.53 7.34
N ILE B 180 2.34 -1.67 6.65
CA ILE B 180 1.22 -2.16 5.88
C ILE B 180 0.12 -2.64 6.81
N ALA B 181 -1.13 -2.29 6.48
CA ALA B 181 -2.26 -2.61 7.34
C ALA B 181 -2.60 -4.09 7.32
N ARG B 182 -3.19 -4.54 8.41
CA ARG B 182 -3.70 -5.91 8.48
C ARG B 182 -4.82 -6.10 7.47
N PRO B 183 -4.74 -7.08 6.56
CA PRO B 183 -5.80 -7.26 5.55
C PRO B 183 -7.13 -7.67 6.17
N ALA B 184 -8.21 -7.32 5.49
CA ALA B 184 -9.53 -7.75 5.92
C ALA B 184 -9.61 -9.27 5.97
N ASN B 185 -10.29 -9.78 7.00
CA ASN B 185 -10.55 -11.22 7.16
C ASN B 185 -9.26 -12.04 7.07
N SER B 186 -8.24 -11.59 7.78
CA SER B 186 -6.97 -12.31 7.91
C SER B 186 -6.85 -12.87 9.33
N VAL B 187 -5.89 -13.76 9.51
CA VAL B 187 -5.46 -14.19 10.85
C VAL B 187 -4.10 -13.58 11.09
N SER B 188 -3.85 -13.14 12.32
CA SER B 188 -2.56 -12.59 12.70
C SER B 188 -1.85 -13.51 13.68
N VAL B 189 -0.52 -13.53 13.60
CA VAL B 189 0.24 -14.30 14.58
C VAL B 189 -0.05 -13.84 16.01
N THR B 190 -0.41 -12.56 16.18
CA THR B 190 -0.73 -12.11 17.53
C THR B 190 -2.07 -12.63 18.02
N ASP B 191 -2.96 -13.06 17.12
CA ASP B 191 -4.19 -13.72 17.55
C ASP B 191 -3.89 -15.00 18.32
N PHE B 192 -2.74 -15.61 18.07
CA PHE B 192 -2.39 -16.88 18.66
C PHE B 192 -1.27 -16.76 19.69
N GLY B 193 -1.03 -15.54 20.20
CA GLY B 193 -0.15 -15.37 21.33
C GLY B 193 1.25 -14.88 21.02
N ALA B 194 1.57 -14.60 19.75
CA ALA B 194 2.84 -13.96 19.45
C ALA B 194 2.82 -12.55 20.00
N VAL B 195 3.95 -12.12 20.56
CA VAL B 195 4.09 -10.76 21.07
C VAL B 195 5.35 -10.16 20.48
N ALA B 196 5.22 -8.99 19.85
CA ALA B 196 6.38 -8.31 19.30
C ALA B 196 7.25 -7.70 20.38
N ASN B 197 8.56 -7.70 20.13
CA ASN B 197 9.53 -6.86 20.83
C ASN B 197 9.72 -7.22 22.29
N ASP B 198 9.39 -8.45 22.69
CA ASP B 198 9.58 -8.85 24.08
C ASP B 198 10.69 -9.87 24.25
N GLY B 199 11.41 -10.20 23.18
CA GLY B 199 12.45 -11.19 23.23
C GLY B 199 12.00 -12.61 23.49
N GLN B 200 10.70 -12.84 23.68
CA GLN B 200 10.17 -14.17 23.94
C GLN B 200 9.86 -14.88 22.64
N ASP B 201 10.01 -16.20 22.66
CA ASP B 201 9.85 -16.99 21.46
C ASP B 201 8.41 -16.96 20.96
N ASP B 202 8.25 -16.82 19.64
CA ASP B 202 6.94 -16.74 19.02
C ASP B 202 6.63 -17.91 18.11
N LEU B 203 7.51 -18.92 18.02
CA LEU B 203 7.33 -19.93 16.99
C LEU B 203 6.05 -20.74 17.19
N ALA B 204 5.69 -21.03 18.44
CA ALA B 204 4.45 -21.77 18.68
C ALA B 204 3.24 -21.02 18.16
N ALA B 205 3.20 -19.69 18.36
CA ALA B 205 2.09 -18.91 17.81
C ALA B 205 2.12 -18.88 16.29
N PHE B 206 3.30 -18.80 15.69
CA PHE B 206 3.40 -18.82 14.23
C PHE B 206 2.88 -20.15 13.67
N GLU B 207 3.20 -21.26 14.33
CA GLU B 207 2.73 -22.55 13.84
C GLU B 207 1.21 -22.65 13.96
N ALA B 208 0.66 -22.20 15.09
CA ALA B 208 -0.80 -22.22 15.28
C ALA B 208 -1.48 -21.33 14.25
N ALA B 209 -0.88 -20.16 13.98
CA ALA B 209 -1.48 -19.22 13.03
C ALA B 209 -1.48 -19.78 11.62
N VAL B 210 -0.42 -20.52 11.23
CA VAL B 210 -0.40 -21.19 9.94
C VAL B 210 -1.55 -22.20 9.83
N ASN B 211 -1.74 -23.03 10.86
CA ASN B 211 -2.85 -23.98 10.83
C ASN B 211 -4.18 -23.27 10.66
N ALA B 212 -4.38 -22.17 11.39
CA ALA B 212 -5.65 -21.45 11.32
C ALA B 212 -5.84 -20.81 9.95
N ALA B 213 -4.77 -20.22 9.39
CA ALA B 213 -4.86 -19.65 8.05
C ALA B 213 -5.24 -20.72 7.03
N VAL B 214 -4.62 -21.90 7.12
CA VAL B 214 -4.91 -22.97 6.17
C VAL B 214 -6.33 -23.48 6.35
N THR B 215 -6.76 -23.66 7.61
CA THR B 215 -8.12 -24.14 7.86
C THR B 215 -9.16 -23.15 7.36
N SER B 216 -8.92 -21.85 7.55
CA SER B 216 -9.92 -20.84 7.21
C SER B 216 -9.75 -20.28 5.81
N GLY B 217 -8.66 -20.61 5.12
CA GLY B 217 -8.38 -19.97 3.84
C GLY B 217 -8.12 -18.47 3.95
N LYS B 218 -7.67 -18.00 5.10
CA LYS B 218 -7.39 -16.59 5.32
C LYS B 218 -5.90 -16.30 5.13
N ILE B 219 -5.62 -15.03 4.82
CA ILE B 219 -4.25 -14.53 4.80
C ILE B 219 -3.67 -14.61 6.20
N LEU B 220 -2.39 -14.97 6.30
CA LEU B 220 -1.67 -14.91 7.57
C LEU B 220 -0.87 -13.62 7.59
N TYR B 221 -1.20 -12.77 8.56
CA TYR B 221 -0.59 -11.45 8.70
C TYR B 221 0.39 -11.47 9.87
N ILE B 222 1.54 -10.85 9.67
CA ILE B 222 2.52 -10.64 10.72
C ILE B 222 2.65 -9.14 10.92
N PRO B 223 2.27 -8.60 12.07
CA PRO B 223 2.27 -7.14 12.26
C PRO B 223 3.69 -6.61 12.46
N ALA B 224 3.77 -5.28 12.62
CA ALA B 224 5.05 -4.64 12.87
C ALA B 224 5.66 -5.10 14.18
N GLY B 225 6.99 -5.15 14.20
CA GLY B 225 7.76 -5.52 15.38
C GLY B 225 8.68 -6.69 15.11
N THR B 226 9.49 -7.01 16.11
CA THR B 226 10.43 -8.13 16.03
C THR B 226 9.83 -9.36 16.70
N PHE B 227 9.73 -10.45 15.94
CA PHE B 227 9.33 -11.74 16.48
C PHE B 227 10.52 -12.68 16.49
N HIS B 228 10.64 -13.49 17.55
CA HIS B 228 11.78 -14.37 17.74
C HIS B 228 11.34 -15.82 17.56
N LEU B 229 12.04 -16.53 16.66
CA LEU B 229 11.73 -17.93 16.35
C LEU B 229 12.94 -18.78 16.72
N GLY B 230 12.77 -19.66 17.71
CA GLY B 230 13.86 -20.45 18.25
C GLY B 230 14.20 -21.73 17.51
N ASN B 231 13.56 -21.98 16.36
CA ASN B 231 13.94 -23.08 15.48
C ASN B 231 13.46 -22.78 14.08
N MET B 232 13.67 -23.74 13.17
CA MET B 232 13.17 -23.61 11.81
C MET B 232 11.66 -23.47 11.82
N TRP B 233 11.14 -22.58 10.97
CA TRP B 233 9.69 -22.43 10.80
C TRP B 233 9.27 -23.30 9.63
N LYS B 234 8.55 -24.38 9.94
CA LYS B 234 8.12 -25.36 8.94
C LYS B 234 6.65 -25.11 8.60
N ILE B 235 6.41 -24.74 7.36
CA ILE B 235 5.10 -24.28 6.91
C ILE B 235 4.53 -25.41 6.06
N GLY B 236 3.66 -26.23 6.67
CA GLY B 236 3.25 -27.50 6.10
C GLY B 236 4.21 -28.63 6.45
N SER B 237 3.79 -29.86 6.13
CA SER B 237 4.65 -31.01 6.28
C SER B 237 4.67 -31.81 4.99
N VAL B 238 5.68 -32.67 4.83
CA VAL B 238 5.73 -33.55 3.67
C VAL B 238 4.47 -34.41 3.61
N ALA B 239 4.03 -34.93 4.77
CA ALA B 239 2.85 -35.79 4.78
C ALA B 239 1.57 -34.99 4.56
N ASN B 240 1.55 -33.71 4.94
CA ASN B 240 0.35 -32.87 4.85
C ASN B 240 0.73 -31.54 4.20
N LYS B 241 0.95 -31.56 2.89
CA LYS B 241 1.41 -30.35 2.21
C LYS B 241 0.26 -29.36 2.09
N ILE B 242 0.62 -28.10 2.03
CA ILE B 242 -0.33 -27.00 1.93
C ILE B 242 -0.63 -26.74 0.46
N ASN B 243 -1.89 -26.47 0.13
CA ASN B 243 -2.25 -26.09 -1.23
C ASN B 243 -1.85 -24.63 -1.46
N ASN B 244 -2.71 -23.69 -1.10
CA ASN B 244 -2.43 -22.27 -1.23
C ASN B 244 -2.24 -21.63 0.13
N ILE B 245 -1.33 -20.66 0.24
CA ILE B 245 -1.21 -19.89 1.47
C ILE B 245 -0.59 -18.53 1.14
N THR B 246 -1.09 -17.49 1.80
CA THR B 246 -0.57 -16.13 1.70
C THR B 246 -0.10 -15.66 3.06
N ILE B 247 1.15 -15.24 3.15
CA ILE B 247 1.75 -14.76 4.39
C ILE B 247 2.33 -13.39 4.10
N MET B 248 1.90 -12.38 4.86
CA MET B 248 2.34 -11.01 4.59
C MET B 248 2.66 -10.29 5.89
N GLY B 249 3.83 -9.67 5.93
CA GLY B 249 4.22 -8.81 7.04
C GLY B 249 3.81 -7.38 6.80
N ALA B 250 4.24 -6.50 7.72
CA ALA B 250 3.94 -5.08 7.65
C ALA B 250 4.95 -4.29 6.84
N GLY B 251 5.96 -4.93 6.27
CA GLY B 251 6.97 -4.25 5.47
C GLY B 251 8.38 -4.61 5.93
N ILE B 252 9.34 -4.53 5.00
CA ILE B 252 10.72 -4.89 5.33
C ILE B 252 11.35 -3.95 6.35
N TRP B 253 10.74 -2.79 6.59
CA TRP B 253 11.23 -1.86 7.62
C TRP B 253 10.46 -1.97 8.93
N HIS B 254 9.47 -2.85 9.02
CA HIS B 254 8.61 -2.90 10.21
C HIS B 254 8.53 -4.28 10.85
N THR B 255 8.47 -5.33 10.06
CA THR B 255 8.32 -6.69 10.56
C THR B 255 9.65 -7.42 10.43
N ASN B 256 10.26 -7.75 11.57
CA ASN B 256 11.53 -8.47 11.63
C ASN B 256 11.28 -9.87 12.19
N ILE B 257 11.68 -10.89 11.46
CA ILE B 257 11.69 -12.25 11.98
C ILE B 257 13.13 -12.58 12.37
N GLN B 258 13.38 -12.78 13.65
CA GLN B 258 14.71 -13.05 14.16
C GLN B 258 14.80 -14.51 14.59
N PHE B 259 15.53 -15.31 13.83
CA PHE B 259 15.85 -16.66 14.26
C PHE B 259 16.97 -16.59 15.30
N THR B 260 16.77 -17.27 16.44
CA THR B 260 17.68 -17.15 17.57
C THR B 260 18.57 -18.37 17.80
N ASN B 261 18.38 -19.45 17.05
CA ASN B 261 19.09 -20.69 17.30
C ASN B 261 20.31 -20.78 16.39
N PRO B 262 21.52 -20.95 16.91
CA PRO B 262 22.70 -21.01 16.06
C PRO B 262 23.02 -22.38 15.49
N ASN B 263 22.25 -23.40 15.87
CA ASN B 263 22.61 -24.77 15.51
C ASN B 263 22.19 -25.10 14.10
N GLN B 264 22.82 -26.15 13.56
CA GLN B 264 22.40 -26.76 12.30
C GLN B 264 20.89 -26.97 12.26
N ALA B 265 20.31 -26.73 11.09
CA ALA B 265 18.92 -27.06 10.79
C ALA B 265 17.95 -26.41 11.78
N SER B 266 18.30 -25.24 12.31
CA SER B 266 17.52 -24.67 13.42
C SER B 266 17.02 -23.27 13.12
N GLY B 267 16.92 -22.89 11.85
CA GLY B 267 16.38 -21.59 11.50
C GLY B 267 16.09 -21.56 10.02
N GLY B 268 15.55 -20.42 9.57
CA GLY B 268 15.04 -20.30 8.23
C GLY B 268 13.63 -20.88 8.11
N ILE B 269 13.07 -20.77 6.91
CA ILE B 269 11.70 -21.18 6.63
C ILE B 269 11.73 -22.35 5.65
N SER B 270 11.06 -23.44 6.01
CA SER B 270 10.87 -24.58 5.11
C SER B 270 9.42 -24.59 4.63
N PHE B 271 9.22 -24.42 3.32
CA PHE B 271 7.90 -24.49 2.71
C PHE B 271 7.59 -25.92 2.27
N ARG B 272 6.35 -26.36 2.56
CA ARG B 272 5.83 -27.63 2.07
C ARG B 272 4.51 -27.31 1.37
N VAL B 273 4.62 -26.70 0.20
CA VAL B 273 3.50 -26.12 -0.53
C VAL B 273 3.47 -26.72 -1.93
N THR B 274 2.28 -27.13 -2.39
CA THR B 274 2.12 -27.57 -3.76
C THR B 274 1.32 -26.62 -4.64
N GLY B 275 0.46 -25.80 -4.04
CA GLY B 275 -0.27 -24.81 -4.82
C GLY B 275 0.44 -23.47 -4.80
N GLN B 276 -0.31 -22.38 -4.64
CA GLN B 276 0.23 -21.04 -4.81
C GLN B 276 0.61 -20.48 -3.45
N LEU B 277 1.90 -20.21 -3.29
CA LEU B 277 2.43 -19.50 -2.13
C LEU B 277 2.60 -18.03 -2.48
N ASP B 278 2.22 -17.13 -1.56
CA ASP B 278 2.56 -15.72 -1.69
C ASP B 278 3.08 -15.23 -0.34
N PHE B 279 4.35 -14.87 -0.28
CA PHE B 279 5.05 -14.54 0.96
C PHE B 279 5.72 -13.19 0.76
N SER B 280 5.48 -12.24 1.65
CA SER B 280 5.96 -10.90 1.33
C SER B 280 6.09 -10.02 2.56
N HIS B 281 6.93 -8.99 2.41
CA HIS B 281 6.96 -7.78 3.24
C HIS B 281 7.48 -8.06 4.65
N ILE B 282 8.63 -8.72 4.70
CA ILE B 282 9.20 -9.18 5.95
C ILE B 282 10.71 -9.06 5.83
N TYR B 283 11.35 -8.62 6.92
CA TYR B 283 12.80 -8.74 7.07
C TYR B 283 13.08 -9.99 7.92
N MET B 284 14.13 -10.75 7.55
CA MET B 284 14.50 -11.96 8.28
C MET B 284 16.00 -11.99 8.49
N ASN B 285 16.40 -12.40 9.70
CA ASN B 285 17.78 -12.49 10.10
C ASN B 285 17.98 -13.81 10.84
N SER B 286 19.21 -14.32 10.80
CA SER B 286 19.57 -15.60 11.40
C SER B 286 20.26 -15.41 12.75
N ASN B 287 20.61 -16.53 13.38
CA ASN B 287 21.69 -16.54 14.35
C ASN B 287 22.83 -17.43 13.87
N LEU B 288 23.10 -17.40 12.57
CA LEU B 288 23.97 -18.36 11.91
C LEU B 288 25.32 -17.73 11.58
N ARG B 289 26.40 -18.42 11.97
CA ARG B 289 27.75 -17.94 11.65
C ARG B 289 28.61 -18.98 10.95
N SER B 290 28.05 -20.14 10.59
CA SER B 290 28.83 -21.19 9.94
C SER B 290 28.00 -21.83 8.83
N ARG B 291 28.69 -22.24 7.76
CA ARG B 291 28.09 -23.08 6.72
C ARG B 291 27.97 -24.54 7.15
N TYR B 292 28.60 -24.94 8.25
CA TYR B 292 28.56 -26.33 8.70
C TYR B 292 28.90 -27.30 7.57
N GLY B 293 29.91 -26.94 6.78
CA GLY B 293 30.37 -27.78 5.68
C GLY B 293 29.27 -28.34 4.78
N GLU B 294 28.40 -27.46 4.28
CA GLU B 294 27.25 -27.78 3.42
C GLU B 294 26.15 -28.54 4.13
N GLN B 295 26.21 -28.68 5.46
CA GLN B 295 25.17 -29.34 6.22
C GLN B 295 24.39 -28.37 7.12
N ALA B 296 24.41 -27.07 6.81
CA ALA B 296 23.76 -26.11 7.70
C ALA B 296 22.24 -26.31 7.72
N VAL B 297 21.64 -26.67 6.59
CA VAL B 297 20.18 -26.69 6.41
C VAL B 297 19.54 -25.48 7.08
N TYR B 298 19.98 -24.31 6.68
CA TYR B 298 19.62 -23.09 7.39
C TYR B 298 19.55 -21.96 6.37
N LYS B 299 18.87 -22.22 5.25
CA LYS B 299 18.62 -21.18 4.25
C LYS B 299 17.43 -20.33 4.69
N GLY B 300 17.37 -19.10 4.16
CA GLY B 300 16.24 -18.24 4.49
C GLY B 300 14.91 -18.86 4.10
N PHE B 301 14.82 -19.37 2.88
CA PHE B 301 13.63 -20.05 2.37
C PHE B 301 14.08 -21.31 1.65
N MET B 302 13.43 -22.44 1.93
CA MET B 302 13.87 -23.67 1.29
C MET B 302 12.70 -24.61 1.06
N ASP B 303 12.98 -25.66 0.28
CA ASP B 303 12.15 -26.83 0.00
C ASP B 303 11.09 -26.57 -1.07
N ASN B 304 9.79 -26.77 -0.77
CA ASN B 304 8.74 -26.89 -1.80
C ASN B 304 7.97 -25.59 -1.94
N PHE B 305 8.25 -24.83 -3.00
CA PHE B 305 7.69 -23.49 -3.15
C PHE B 305 6.36 -23.44 -3.90
N GLY B 306 5.93 -24.54 -4.51
CA GLY B 306 4.61 -24.59 -5.12
C GLY B 306 4.62 -24.18 -6.59
N THR B 307 3.43 -23.84 -7.08
CA THR B 307 3.19 -23.56 -8.48
C THR B 307 2.66 -22.14 -8.64
N ASN B 308 3.28 -21.36 -9.52
CA ASN B 308 2.92 -19.96 -9.73
C ASN B 308 3.01 -19.14 -8.44
N SER B 309 3.99 -19.47 -7.60
CA SER B 309 4.12 -18.80 -6.32
C SER B 309 4.94 -17.52 -6.46
N LYS B 310 4.92 -16.71 -5.41
CA LYS B 310 5.71 -15.47 -5.36
C LYS B 310 6.26 -15.29 -3.96
N VAL B 311 7.54 -14.99 -3.86
CA VAL B 311 8.11 -14.43 -2.64
C VAL B 311 8.66 -13.08 -3.03
N HIS B 312 8.10 -12.01 -2.47
CA HIS B 312 8.45 -10.68 -2.97
C HIS B 312 8.53 -9.68 -1.82
N ASN B 313 9.31 -8.63 -2.04
CA ASN B 313 9.47 -7.56 -1.05
C ASN B 313 9.92 -8.12 0.31
N VAL B 314 10.96 -8.95 0.27
CA VAL B 314 11.58 -9.45 1.48
C VAL B 314 13.03 -8.99 1.54
N TRP B 315 13.56 -8.99 2.76
CA TRP B 315 14.92 -8.57 3.06
C TRP B 315 15.49 -9.65 3.97
N VAL B 316 16.43 -10.44 3.48
CA VAL B 316 16.93 -11.57 4.25
C VAL B 316 18.45 -11.54 4.24
N GLU B 317 19.05 -11.80 5.39
CA GLU B 317 20.50 -11.78 5.44
C GLU B 317 20.99 -12.77 6.48
N HIS B 318 22.24 -13.21 6.30
CA HIS B 318 23.02 -13.99 7.26
C HIS B 318 22.57 -15.44 7.35
N PHE B 319 21.89 -15.94 6.32
CA PHE B 319 21.53 -17.35 6.26
C PHE B 319 22.60 -18.13 5.51
N GLU B 320 22.43 -19.46 5.47
CA GLU B 320 23.30 -20.29 4.65
C GLU B 320 23.21 -19.86 3.19
N CYS B 321 21.99 -19.81 2.66
CA CYS B 321 21.65 -19.19 1.39
C CYS B 321 20.42 -18.34 1.63
N GLY B 322 20.20 -17.36 0.75
CA GLY B 322 18.95 -16.63 0.82
C GLY B 322 17.78 -17.55 0.51
N PHE B 323 17.80 -18.17 -0.66
CA PHE B 323 16.78 -19.09 -1.14
C PHE B 323 17.44 -20.35 -1.66
N TRP B 324 16.92 -21.52 -1.30
CA TRP B 324 17.29 -22.77 -1.95
C TRP B 324 16.00 -23.45 -2.38
N VAL B 325 15.69 -23.34 -3.67
CA VAL B 325 14.43 -23.84 -4.22
C VAL B 325 14.67 -25.26 -4.73
N GLY B 326 14.10 -26.25 -4.06
CA GLY B 326 14.26 -27.60 -4.58
C GLY B 326 13.75 -28.66 -3.66
N ASP B 327 13.17 -29.71 -4.24
CA ASP B 327 12.56 -30.79 -3.47
C ASP B 327 13.54 -31.92 -3.26
N TYR B 328 13.76 -32.30 -2.00
CA TYR B 328 14.55 -33.48 -1.68
C TYR B 328 13.70 -34.53 -0.95
N ALA B 329 12.40 -34.31 -0.86
CA ALA B 329 11.53 -35.11 0.00
C ALA B 329 10.72 -36.16 -0.76
N HIS B 330 10.64 -36.07 -2.08
CA HIS B 330 9.73 -36.91 -2.85
C HIS B 330 10.50 -37.71 -3.89
N THR B 331 10.00 -38.90 -4.20
CA THR B 331 10.55 -39.72 -5.27
C THR B 331 9.38 -40.20 -6.13
N PRO B 332 9.31 -39.80 -7.41
CA PRO B 332 10.25 -38.84 -8.01
C PRO B 332 10.04 -37.43 -7.49
N ALA B 333 11.05 -36.57 -7.63
CA ALA B 333 10.99 -35.25 -7.03
C ALA B 333 9.92 -34.40 -7.70
N ILE B 334 9.26 -33.57 -6.90
CA ILE B 334 8.35 -32.58 -7.45
C ILE B 334 9.14 -31.29 -7.66
N ILE B 335 8.55 -30.33 -8.38
CA ILE B 335 9.27 -29.11 -8.73
C ILE B 335 8.40 -27.91 -8.42
N ALA B 336 9.05 -26.80 -8.11
CA ALA B 336 8.42 -25.50 -8.20
C ALA B 336 8.48 -25.03 -9.65
N ASN B 337 7.36 -24.56 -10.17
CA ASN B 337 7.31 -24.00 -11.52
C ASN B 337 6.62 -22.65 -11.46
N GLY B 338 7.19 -21.66 -12.15
CA GLY B 338 6.56 -20.35 -12.17
C GLY B 338 6.76 -19.53 -10.93
N LEU B 339 7.79 -19.82 -10.13
CA LEU B 339 8.06 -19.02 -8.95
C LEU B 339 8.66 -17.68 -9.37
N VAL B 340 8.20 -16.60 -8.74
CA VAL B 340 8.78 -15.28 -8.93
C VAL B 340 9.28 -14.79 -7.59
N ILE B 341 10.58 -14.48 -7.54
CA ILE B 341 11.20 -13.76 -6.43
C ILE B 341 11.48 -12.36 -6.97
N GLU B 342 10.92 -11.34 -6.32
CA GLU B 342 11.10 -9.99 -6.86
C GLU B 342 11.10 -8.95 -5.76
N ASN B 343 11.66 -7.78 -6.10
CA ASN B 343 11.66 -6.60 -5.24
C ASN B 343 12.29 -6.89 -3.88
N SER B 344 13.34 -7.72 -3.87
CA SER B 344 13.88 -8.22 -2.61
C SER B 344 15.35 -7.87 -2.43
N ARG B 345 15.80 -7.97 -1.18
CA ARG B 345 17.17 -7.68 -0.79
C ARG B 345 17.72 -8.96 -0.17
N ILE B 346 18.66 -9.59 -0.84
CA ILE B 346 19.17 -10.90 -0.46
C ILE B 346 20.66 -10.70 -0.28
N ARG B 347 21.12 -10.55 0.96
CA ARG B 347 22.45 -10.00 1.22
C ARG B 347 23.15 -10.73 2.35
N ASN B 348 24.49 -10.74 2.29
CA ASN B 348 25.31 -11.13 3.43
C ASN B 348 25.02 -12.56 3.88
N ASN B 349 24.80 -13.46 2.92
CA ASN B 349 24.62 -14.87 3.24
C ASN B 349 25.94 -15.61 3.05
N LEU B 350 26.06 -16.73 3.77
CA LEU B 350 27.31 -17.51 3.80
C LEU B 350 27.58 -18.25 2.49
N ALA B 351 26.56 -18.41 1.64
CA ALA B 351 26.68 -19.10 0.36
C ALA B 351 25.76 -18.45 -0.66
N ASP B 352 25.07 -19.25 -1.48
CA ASP B 352 24.30 -18.71 -2.61
C ASP B 352 23.26 -17.69 -2.18
N GLY B 353 23.05 -16.69 -3.03
CA GLY B 353 21.90 -15.82 -2.81
C GLY B 353 20.60 -16.55 -3.09
N VAL B 354 20.44 -17.02 -4.33
CA VAL B 354 19.30 -17.84 -4.74
C VAL B 354 19.84 -18.99 -5.57
N ASN B 355 19.39 -20.20 -5.28
CA ASN B 355 19.66 -21.34 -6.17
C ASN B 355 18.35 -22.00 -6.58
N PHE B 356 18.12 -22.06 -7.88
CA PHE B 356 17.00 -22.81 -8.45
C PHE B 356 17.52 -24.21 -8.78
N ALA B 357 17.22 -25.18 -7.93
CA ALA B 357 17.79 -26.52 -8.08
C ALA B 357 16.68 -27.55 -8.31
N GLN B 358 17.11 -28.81 -8.50
CA GLN B 358 16.18 -29.94 -8.46
C GLN B 358 15.01 -29.75 -9.43
N GLY B 359 15.31 -29.24 -10.63
CA GLY B 359 14.28 -29.11 -11.65
C GLY B 359 13.37 -27.90 -11.54
N THR B 360 13.62 -27.00 -10.60
CA THR B 360 12.95 -25.70 -10.60
C THR B 360 12.97 -25.13 -12.02
N SER B 361 11.80 -24.71 -12.50
CA SER B 361 11.61 -24.35 -13.89
C SER B 361 10.68 -23.16 -14.01
N ASN B 362 10.83 -22.44 -15.12
CA ASN B 362 9.98 -21.28 -15.46
C ASN B 362 9.92 -20.29 -14.31
N SER B 363 11.02 -20.14 -13.58
CA SER B 363 11.04 -19.33 -12.38
C SER B 363 12.00 -18.15 -12.56
N THR B 364 11.85 -17.15 -11.70
CA THR B 364 12.45 -15.84 -11.96
C THR B 364 12.93 -15.20 -10.68
N VAL B 365 14.09 -14.54 -10.73
CA VAL B 365 14.48 -13.56 -9.74
C VAL B 365 14.61 -12.24 -10.48
N ARG B 366 13.88 -11.22 -10.04
CA ARG B 366 13.94 -9.96 -10.75
C ARG B 366 13.82 -8.78 -9.79
N ASN B 367 14.33 -7.64 -10.25
CA ASN B 367 14.33 -6.38 -9.50
C ASN B 367 14.76 -6.56 -8.06
N SER B 368 15.92 -7.20 -7.87
CA SER B 368 16.37 -7.50 -6.52
C SER B 368 17.83 -7.08 -6.35
N SER B 369 18.18 -6.82 -5.09
CA SER B 369 19.53 -6.47 -4.68
C SER B 369 20.16 -7.73 -4.11
N ILE B 370 21.19 -8.23 -4.78
CA ILE B 370 21.86 -9.47 -4.41
C ILE B 370 23.29 -9.08 -4.05
N ARG B 371 23.62 -9.02 -2.76
CA ARG B 371 24.86 -8.37 -2.35
C ARG B 371 25.62 -9.16 -1.30
N ASN B 372 26.93 -9.28 -1.50
CA ASN B 372 27.87 -9.71 -0.46
C ASN B 372 27.62 -11.16 -0.04
N ASN B 373 27.33 -12.03 -1.00
CA ASN B 373 27.05 -13.43 -0.71
C ASN B 373 28.29 -14.30 -0.96
N GLY B 374 28.33 -15.44 -0.27
CA GLY B 374 29.49 -16.32 -0.24
C GLY B 374 29.51 -17.49 -1.21
N ASP B 375 28.76 -17.39 -2.29
CA ASP B 375 28.79 -18.34 -3.40
C ASP B 375 28.03 -17.67 -4.53
N ASP B 376 27.59 -18.42 -5.54
CA ASP B 376 26.91 -17.76 -6.67
C ASP B 376 25.76 -16.90 -6.17
N GLY B 377 25.70 -15.66 -6.66
CA GLY B 377 24.60 -14.78 -6.28
C GLY B 377 23.25 -15.34 -6.68
N LEU B 378 23.11 -15.67 -7.96
CA LEU B 378 21.89 -16.25 -8.52
C LEU B 378 22.33 -17.43 -9.38
N ALA B 379 21.83 -18.62 -9.09
CA ALA B 379 22.32 -19.80 -9.80
C ALA B 379 21.18 -20.75 -10.14
N VAL B 380 21.35 -21.47 -11.26
CA VAL B 380 20.50 -22.60 -11.62
C VAL B 380 21.39 -23.85 -11.63
N TRP B 381 21.22 -24.70 -10.63
CA TRP B 381 21.92 -25.99 -10.55
C TRP B 381 20.90 -27.07 -10.88
N THR B 382 20.99 -27.61 -12.10
CA THR B 382 20.01 -28.59 -12.56
C THR B 382 20.40 -29.99 -12.07
N SER B 383 20.27 -30.16 -10.74
CA SER B 383 20.52 -31.43 -10.07
C SER B 383 19.38 -32.41 -10.38
N ASN B 384 19.65 -33.71 -10.16
CA ASN B 384 18.65 -34.71 -10.47
C ASN B 384 18.48 -35.72 -9.33
N VAL B 385 18.68 -35.28 -8.09
CA VAL B 385 18.45 -36.15 -6.95
C VAL B 385 17.01 -36.65 -6.95
N ASN B 386 16.85 -37.94 -6.68
CA ASN B 386 15.53 -38.57 -6.63
C ASN B 386 14.75 -38.41 -7.93
N GLY B 387 15.46 -38.34 -9.07
CA GLY B 387 14.78 -38.28 -10.35
C GLY B 387 14.14 -36.96 -10.68
N ALA B 388 14.61 -35.86 -10.11
CA ALA B 388 14.12 -34.55 -10.53
C ALA B 388 14.36 -34.35 -12.03
N PRO B 389 13.45 -33.71 -12.75
CA PRO B 389 13.70 -33.40 -14.16
C PRO B 389 14.70 -32.26 -14.29
N ALA B 390 15.17 -32.05 -15.53
CA ALA B 390 16.09 -30.94 -15.78
C ALA B 390 15.36 -29.61 -15.64
N GLY B 391 15.93 -28.70 -14.86
CA GLY B 391 15.36 -27.36 -14.75
C GLY B 391 15.47 -26.62 -16.07
N VAL B 392 14.38 -25.95 -16.46
CA VAL B 392 14.32 -25.26 -17.75
C VAL B 392 13.73 -23.86 -17.59
N ASN B 393 14.20 -22.96 -18.44
CA ASN B 393 13.52 -21.67 -18.69
C ASN B 393 13.47 -20.79 -17.46
N ASN B 394 14.56 -20.73 -16.70
CA ASN B 394 14.63 -19.83 -15.55
C ASN B 394 15.21 -18.49 -15.97
N THR B 395 14.86 -17.42 -15.24
CA THR B 395 15.20 -16.07 -15.64
C THR B 395 15.75 -15.28 -14.45
N PHE B 396 16.91 -14.64 -14.66
CA PHE B 396 17.48 -13.71 -13.68
C PHE B 396 17.60 -12.35 -14.35
N SER B 397 16.70 -11.41 -14.06
CA SER B 397 16.71 -10.16 -14.82
C SER B 397 16.46 -8.96 -13.92
N TYR B 398 17.00 -7.82 -14.34
CA TYR B 398 16.80 -6.54 -13.65
C TYR B 398 17.28 -6.58 -12.20
N ASN B 399 18.44 -7.21 -11.99
CA ASN B 399 19.00 -7.32 -10.64
C ASN B 399 20.32 -6.57 -10.55
N THR B 400 20.61 -6.07 -9.37
CA THR B 400 21.90 -5.46 -9.06
C THR B 400 22.63 -6.40 -8.11
N ILE B 401 23.76 -6.95 -8.57
CA ILE B 401 24.45 -8.04 -7.91
C ILE B 401 25.84 -7.53 -7.58
N GLU B 402 26.11 -7.28 -6.29
CA GLU B 402 27.30 -6.54 -5.87
C GLU B 402 28.08 -7.32 -4.83
N ASN B 403 29.40 -7.14 -4.85
CA ASN B 403 30.30 -7.58 -3.77
C ASN B 403 30.23 -9.09 -3.50
N ASN B 404 29.90 -9.89 -4.51
CA ASN B 404 30.04 -11.34 -4.36
C ASN B 404 31.48 -11.64 -3.93
N TRP B 405 31.67 -12.50 -2.92
CA TRP B 405 33.02 -12.84 -2.48
C TRP B 405 33.38 -14.31 -2.71
N ARG B 406 32.56 -15.05 -3.47
CA ARG B 406 32.95 -16.37 -3.95
C ARG B 406 32.16 -16.67 -5.23
N ALA B 407 32.79 -17.34 -6.18
CA ALA B 407 32.14 -17.85 -7.39
C ALA B 407 31.61 -16.67 -8.22
N ALA B 408 30.37 -16.71 -8.73
CA ALA B 408 29.94 -15.72 -9.71
C ALA B 408 28.67 -14.98 -9.28
N GLY B 409 28.46 -13.80 -9.88
CA GLY B 409 27.20 -13.11 -9.66
C GLY B 409 26.02 -13.89 -10.17
N ILE B 410 26.13 -14.44 -11.38
CA ILE B 410 25.09 -15.25 -12.03
C ILE B 410 25.75 -16.50 -12.58
N ALA B 411 25.13 -17.66 -12.36
CA ALA B 411 25.67 -18.92 -12.86
C ALA B 411 24.57 -19.84 -13.36
N PHE B 412 24.81 -20.50 -14.50
CA PHE B 412 23.97 -21.59 -14.98
C PHE B 412 24.83 -22.84 -15.09
N PHE B 413 24.32 -23.98 -14.60
CA PHE B 413 25.09 -25.21 -14.58
C PHE B 413 24.49 -26.34 -15.43
N GLY B 414 23.32 -26.15 -16.00
CA GLY B 414 22.76 -27.16 -16.86
C GLY B 414 21.34 -26.78 -17.23
N GLY B 415 20.68 -27.71 -17.90
CA GLY B 415 19.32 -27.47 -18.32
C GLY B 415 19.23 -26.73 -19.66
N SER B 416 18.13 -26.01 -19.84
CA SER B 416 17.84 -25.42 -21.14
C SER B 416 17.05 -24.14 -20.95
N GLY B 417 17.25 -23.18 -21.86
CA GLY B 417 16.35 -22.06 -22.01
C GLY B 417 16.46 -20.94 -20.99
N HIS B 418 17.46 -20.98 -20.11
CA HIS B 418 17.60 -19.93 -19.10
C HIS B 418 18.03 -18.61 -19.74
N LYS B 419 17.69 -17.51 -19.08
CA LYS B 419 18.21 -16.23 -19.52
C LYS B 419 18.51 -15.33 -18.33
N ALA B 420 19.42 -14.39 -18.55
CA ALA B 420 19.79 -13.42 -17.54
C ALA B 420 19.99 -12.10 -18.26
N THR B 421 19.08 -11.15 -18.07
CA THR B 421 19.10 -9.93 -18.86
C THR B 421 18.95 -8.70 -17.96
N HIS B 422 19.47 -7.58 -18.43
CA HIS B 422 19.24 -6.29 -17.78
C HIS B 422 19.77 -6.27 -16.35
N ASN B 423 20.92 -6.89 -16.15
CA ASN B 423 21.52 -6.92 -14.82
C ASN B 423 22.71 -5.97 -14.72
N LEU B 424 23.08 -5.66 -13.48
CA LEU B 424 24.23 -4.85 -13.15
C LEU B 424 25.04 -5.65 -12.13
N ILE B 425 26.26 -6.02 -12.48
CA ILE B 425 27.07 -6.91 -11.65
C ILE B 425 28.40 -6.23 -11.39
N VAL B 426 28.70 -5.99 -10.11
CA VAL B 426 29.74 -5.04 -9.73
C VAL B 426 30.57 -5.62 -8.59
N ASP B 427 31.90 -5.52 -8.69
CA ASP B 427 32.84 -5.74 -7.58
C ASP B 427 32.85 -7.18 -7.05
N THR B 428 32.95 -8.15 -7.94
CA THR B 428 33.12 -9.53 -7.46
C THR B 428 34.52 -9.72 -6.91
N VAL B 429 34.65 -10.65 -5.96
CA VAL B 429 35.94 -11.00 -5.37
C VAL B 429 36.14 -12.51 -5.55
N GLY B 430 37.31 -12.89 -6.08
CA GLY B 430 37.60 -14.31 -6.26
C GLY B 430 36.80 -14.99 -7.35
N GLY B 431 36.16 -14.25 -8.23
CA GLY B 431 35.30 -14.89 -9.20
C GLY B 431 34.90 -14.04 -10.38
N SER B 432 33.66 -14.22 -10.83
CA SER B 432 33.20 -13.73 -12.12
C SER B 432 31.86 -13.04 -11.96
N ALA B 433 31.54 -12.15 -12.89
CA ALA B 433 30.17 -11.66 -12.96
C ALA B 433 29.21 -12.76 -13.40
N ILE B 434 29.60 -13.53 -14.41
CA ILE B 434 28.80 -14.58 -15.02
C ILE B 434 29.69 -15.81 -15.16
N ARG B 435 29.19 -16.98 -14.75
CA ARG B 435 29.93 -18.20 -15.03
C ARG B 435 28.99 -19.31 -15.47
N MET B 436 29.53 -20.22 -16.28
CA MET B 436 28.88 -21.48 -16.60
C MET B 436 29.93 -22.56 -16.51
N ASN B 437 29.57 -23.71 -15.94
CA ASN B 437 30.44 -24.86 -15.95
C ASN B 437 29.58 -26.12 -15.93
N THR B 438 30.24 -27.26 -16.11
CA THR B 438 29.56 -28.56 -16.04
C THR B 438 30.15 -29.43 -14.94
N VAL B 439 30.64 -28.79 -13.87
CA VAL B 439 31.38 -29.51 -12.86
C VAL B 439 30.47 -30.29 -11.90
N PHE B 440 29.17 -29.93 -11.82
CA PHE B 440 28.31 -30.44 -10.76
C PHE B 440 27.48 -31.64 -11.21
N PRO B 441 27.04 -32.47 -10.27
CA PRO B 441 26.14 -33.57 -10.60
C PRO B 441 24.87 -33.06 -11.26
N GLY B 442 24.25 -33.95 -12.03
CA GLY B 442 22.95 -33.65 -12.62
C GLY B 442 22.99 -33.45 -14.11
N TYR B 443 22.06 -32.66 -14.64
CA TYR B 443 21.99 -32.40 -16.07
C TYR B 443 22.93 -31.27 -16.45
N HIS B 444 23.52 -31.39 -17.64
CA HIS B 444 24.31 -30.31 -18.21
C HIS B 444 23.57 -29.75 -19.41
N PHE B 445 24.27 -29.47 -20.52
CA PHE B 445 23.71 -28.64 -21.58
C PHE B 445 23.43 -29.43 -22.86
N GLN B 446 23.40 -30.77 -22.79
CA GLN B 446 23.23 -31.55 -24.01
C GLN B 446 21.92 -31.20 -24.73
N ASN B 447 20.85 -30.96 -23.98
CA ASN B 447 19.55 -30.65 -24.57
C ASN B 447 19.18 -29.17 -24.42
N ASN B 448 20.17 -28.31 -24.28
CA ASN B 448 19.94 -26.87 -24.17
C ASN B 448 19.57 -26.30 -25.54
N THR B 449 18.34 -25.80 -25.67
CA THR B 449 17.90 -25.15 -26.89
C THR B 449 18.50 -23.75 -27.06
N GLY B 450 19.01 -23.17 -25.98
CA GLY B 450 19.59 -21.84 -26.04
C GLY B 450 19.50 -21.13 -24.71
N ILE B 451 20.62 -20.55 -24.28
CA ILE B 451 20.70 -19.72 -23.09
C ILE B 451 21.14 -18.33 -23.53
N VAL B 452 20.62 -17.29 -22.87
CA VAL B 452 20.83 -15.93 -23.32
C VAL B 452 21.24 -15.07 -22.13
N PHE B 453 22.33 -14.33 -22.28
CA PHE B 453 22.71 -13.23 -21.42
C PHE B 453 22.62 -11.96 -22.24
N SER B 454 21.91 -10.94 -21.75
CA SER B 454 21.83 -9.73 -22.55
C SER B 454 21.73 -8.50 -21.66
N ASP B 455 22.08 -7.36 -22.25
CA ASP B 455 21.76 -6.04 -21.69
C ASP B 455 22.30 -5.91 -20.27
N THR B 456 23.59 -6.18 -20.11
CA THR B 456 24.15 -6.31 -18.77
C THR B 456 25.46 -5.56 -18.69
N THR B 457 25.64 -4.83 -17.60
CA THR B 457 26.85 -4.08 -17.33
C THR B 457 27.61 -4.78 -16.21
N ILE B 458 28.90 -5.02 -16.44
CA ILE B 458 29.79 -5.72 -15.53
C ILE B 458 30.93 -4.78 -15.18
N ILE B 459 31.25 -4.66 -13.89
CA ILE B 459 32.25 -3.69 -13.43
C ILE B 459 33.17 -4.32 -12.40
N ASN B 460 34.49 -4.13 -12.58
CA ASN B 460 35.51 -4.54 -11.60
C ASN B 460 35.43 -6.03 -11.26
N SER B 461 35.11 -6.88 -12.24
CA SER B 461 34.89 -8.29 -11.97
C SER B 461 35.96 -9.15 -12.65
N GLY B 462 35.82 -10.47 -12.54
CA GLY B 462 36.91 -11.37 -12.86
C GLY B 462 37.91 -11.41 -11.72
N THR B 463 38.89 -12.31 -11.82
CA THR B 463 39.87 -12.45 -10.76
C THR B 463 41.12 -13.14 -11.28
N SER B 464 42.24 -12.90 -10.61
CA SER B 464 43.40 -13.76 -10.78
C SER B 464 43.50 -14.80 -9.67
N ARG B 465 42.64 -14.75 -8.66
CA ARG B 465 42.79 -15.67 -7.53
C ARG B 465 41.43 -16.12 -7.00
N ASP B 466 40.88 -17.16 -7.60
CA ASP B 466 39.76 -17.86 -6.99
C ASP B 466 40.28 -18.76 -5.87
N LEU B 467 39.42 -19.63 -5.34
CA LEU B 467 39.82 -20.48 -4.22
C LEU B 467 40.76 -21.61 -4.66
N TYR B 468 41.01 -21.73 -5.96
CA TYR B 468 42.02 -22.64 -6.51
C TYR B 468 43.27 -21.90 -6.95
N ASN B 469 43.43 -20.65 -6.48
CA ASN B 469 44.56 -19.78 -6.79
C ASN B 469 44.73 -19.58 -8.31
N GLY B 470 43.61 -19.41 -9.01
CA GLY B 470 43.65 -19.27 -10.45
C GLY B 470 42.73 -18.17 -10.95
N GLU B 471 42.96 -17.81 -12.21
CA GLU B 471 42.22 -16.73 -12.83
C GLU B 471 40.83 -17.19 -13.29
N ARG B 472 39.90 -16.24 -13.32
CA ARG B 472 38.56 -16.40 -13.84
C ARG B 472 38.18 -15.16 -14.64
N GLY B 473 37.48 -15.35 -15.75
CA GLY B 473 37.04 -14.21 -16.53
C GLY B 473 35.95 -13.43 -15.83
N ALA B 474 35.79 -12.17 -16.24
CA ALA B 474 34.57 -11.46 -15.86
C ALA B 474 33.35 -12.22 -16.36
N ILE B 475 33.44 -12.81 -17.54
CA ILE B 475 32.57 -13.88 -17.98
C ILE B 475 33.44 -15.12 -18.08
N ASP B 476 33.06 -16.19 -17.37
CA ASP B 476 33.90 -17.38 -17.30
C ASP B 476 33.13 -18.61 -17.75
N LEU B 477 33.60 -19.27 -18.80
CA LEU B 477 32.95 -20.46 -19.33
C LEU B 477 33.89 -21.66 -19.20
N GLU B 478 33.42 -22.70 -18.51
CA GLU B 478 34.27 -23.83 -18.17
C GLU B 478 33.62 -25.12 -18.63
N ALA B 479 34.20 -25.76 -19.64
CA ALA B 479 33.69 -27.04 -20.15
C ALA B 479 34.34 -28.18 -19.36
N SER B 480 33.93 -28.24 -18.08
CA SER B 480 34.61 -29.07 -17.08
C SER B 480 34.65 -30.54 -17.49
N ASN B 481 33.50 -31.10 -17.83
CA ASN B 481 33.52 -32.45 -18.36
C ASN B 481 32.66 -32.49 -19.62
N ASP B 482 31.46 -31.98 -19.54
CA ASP B 482 30.59 -31.86 -20.71
C ASP B 482 30.77 -30.51 -21.40
N PRO B 483 30.30 -30.37 -22.63
CA PRO B 483 30.47 -29.09 -23.34
C PRO B 483 29.52 -28.01 -22.83
N ILE B 484 29.94 -26.77 -23.03
CA ILE B 484 29.06 -25.61 -22.98
C ILE B 484 28.53 -25.38 -24.39
N LYS B 485 27.21 -25.40 -24.54
CA LYS B 485 26.61 -25.41 -25.87
C LYS B 485 25.43 -24.44 -25.93
N ASN B 486 25.32 -23.70 -27.04
CA ASN B 486 24.13 -22.89 -27.40
C ASN B 486 23.90 -21.76 -26.39
N VAL B 487 24.83 -20.80 -26.43
CA VAL B 487 24.80 -19.65 -25.53
C VAL B 487 25.03 -18.39 -26.34
N THR B 488 24.22 -17.37 -26.09
CA THR B 488 24.35 -16.09 -26.77
C THR B 488 24.49 -14.99 -25.71
N PHE B 489 25.45 -14.09 -25.94
CA PHE B 489 25.66 -12.91 -25.12
C PHE B 489 25.43 -11.71 -26.02
N THR B 490 24.53 -10.81 -25.63
CA THR B 490 24.21 -9.66 -26.47
C THR B 490 24.16 -8.40 -25.62
N ASN B 491 24.80 -7.34 -26.09
CA ASN B 491 24.73 -6.04 -25.41
C ASN B 491 25.27 -6.15 -23.98
N ILE B 492 26.54 -6.52 -23.88
CA ILE B 492 27.22 -6.64 -22.60
C ILE B 492 28.33 -5.60 -22.56
N ASP B 493 28.39 -4.83 -21.47
CA ASP B 493 29.47 -3.90 -21.21
C ASP B 493 30.31 -4.44 -20.08
N ILE B 494 31.59 -4.70 -20.34
CA ILE B 494 32.50 -5.30 -19.38
C ILE B 494 33.59 -4.27 -19.07
N ILE B 495 33.63 -3.77 -17.84
CA ILE B 495 34.37 -2.57 -17.50
C ILE B 495 35.37 -2.85 -16.39
N ASN B 496 36.64 -2.49 -16.62
CA ASN B 496 37.68 -2.52 -15.60
C ASN B 496 37.85 -3.93 -15.02
N THR B 497 38.03 -4.90 -15.90
CA THR B 497 38.12 -6.29 -15.49
C THR B 497 39.48 -6.56 -14.84
N GLN B 498 39.46 -7.39 -13.80
CA GLN B 498 40.68 -7.63 -13.02
C GLN B 498 41.72 -8.38 -13.84
N ARG B 499 41.34 -9.50 -14.46
CA ARG B 499 42.28 -10.20 -15.34
C ARG B 499 41.71 -10.16 -16.76
N SER B 500 41.29 -11.30 -17.31
CA SER B 500 40.74 -11.32 -18.67
C SER B 500 39.22 -11.14 -18.64
N ALA B 501 38.69 -10.43 -19.65
CA ALA B 501 37.26 -10.13 -19.66
C ALA B 501 36.43 -11.39 -19.92
N ILE B 502 36.81 -12.17 -20.91
CA ILE B 502 36.06 -13.37 -21.29
C ILE B 502 37.02 -14.54 -21.35
N GLN B 503 36.70 -15.61 -20.63
CA GLN B 503 37.62 -16.73 -20.42
C GLN B 503 36.95 -18.05 -20.76
N PHE B 504 37.62 -18.87 -21.58
CA PHE B 504 37.16 -20.21 -21.97
C PHE B 504 38.21 -21.25 -21.58
N GLY B 505 37.77 -22.34 -20.96
CA GLY B 505 38.76 -23.40 -20.71
C GLY B 505 38.13 -24.71 -20.30
N TYR B 506 39.02 -25.67 -19.99
CA TYR B 506 38.76 -27.10 -19.82
C TYR B 506 38.29 -27.72 -21.13
N GLY B 507 38.28 -29.05 -21.22
CA GLY B 507 38.27 -29.71 -22.51
C GLY B 507 36.96 -30.29 -22.99
N GLY B 508 35.84 -29.97 -22.36
CA GLY B 508 34.58 -30.59 -22.71
C GLY B 508 33.97 -30.13 -24.03
N GLY B 509 34.42 -29.02 -24.58
CA GLY B 509 33.95 -28.49 -25.84
C GLY B 509 33.16 -27.19 -25.66
N PHE B 510 33.19 -26.34 -26.69
CA PHE B 510 32.38 -25.13 -26.75
C PHE B 510 31.71 -25.05 -28.11
N GLU B 511 30.38 -25.10 -28.12
CA GLU B 511 29.62 -25.24 -29.35
C GLU B 511 28.57 -24.15 -29.45
N ASN B 512 28.57 -23.41 -30.56
CA ASN B 512 27.56 -22.38 -30.85
C ASN B 512 27.50 -21.35 -29.71
N ILE B 513 28.65 -20.74 -29.44
CA ILE B 513 28.75 -19.66 -28.46
C ILE B 513 28.93 -18.36 -29.23
N VAL B 514 27.99 -17.42 -29.05
CA VAL B 514 27.92 -16.20 -29.85
C VAL B 514 27.89 -14.99 -28.93
N PHE B 515 28.72 -13.98 -29.25
CA PHE B 515 28.84 -12.74 -28.50
C PHE B 515 28.55 -11.59 -29.45
N ASN B 516 27.46 -10.85 -29.21
CA ASN B 516 27.05 -9.74 -30.07
C ASN B 516 27.02 -8.44 -29.28
N ASN B 517 27.57 -7.37 -29.88
CA ASN B 517 27.55 -6.03 -29.29
C ASN B 517 28.18 -6.01 -27.90
N ILE B 518 29.40 -6.52 -27.81
CA ILE B 518 30.14 -6.56 -26.56
C ILE B 518 31.10 -5.38 -26.53
N ASN B 519 31.11 -4.63 -25.43
CA ASN B 519 32.07 -3.56 -25.21
C ASN B 519 32.94 -3.95 -24.03
N ILE B 520 34.24 -4.10 -24.28
CA ILE B 520 35.20 -4.45 -23.24
C ILE B 520 36.10 -3.25 -23.01
N ASN B 521 35.98 -2.63 -21.84
CA ASN B 521 36.68 -1.39 -21.54
C ASN B 521 37.59 -1.61 -20.34
N GLY B 522 38.86 -1.89 -20.60
CA GLY B 522 39.83 -2.13 -19.53
C GLY B 522 39.90 -3.59 -19.09
N ALA B 523 41.09 -4.19 -19.20
CA ALA B 523 41.31 -5.54 -18.75
C ALA B 523 42.69 -5.63 -18.14
N GLY B 524 42.93 -6.68 -17.36
CA GLY B 524 44.20 -6.82 -16.67
C GLY B 524 44.45 -5.76 -15.62
N LYS B 525 43.39 -5.21 -15.02
CA LYS B 525 43.58 -4.13 -14.06
C LYS B 525 44.19 -4.58 -12.74
N ASP B 526 44.29 -5.89 -12.46
CA ASP B 526 44.95 -6.30 -11.23
C ASP B 526 46.45 -6.41 -11.38
N GLY B 527 46.98 -6.31 -12.60
CA GLY B 527 48.40 -6.34 -12.86
C GLY B 527 49.08 -7.68 -12.66
N VAL B 528 48.33 -8.72 -12.34
CA VAL B 528 48.89 -10.05 -12.09
C VAL B 528 49.29 -10.68 -13.41
N LEU B 529 50.50 -11.26 -13.45
CA LEU B 529 50.98 -11.95 -14.64
C LEU B 529 51.04 -13.46 -14.49
N THR B 530 51.20 -13.98 -13.27
CA THR B 530 51.22 -15.42 -13.06
C THR B 530 49.87 -16.03 -13.47
N SER B 531 49.90 -17.32 -13.82
CA SER B 531 48.71 -17.98 -14.34
C SER B 531 48.65 -19.42 -13.84
N ARG B 532 47.46 -19.82 -13.42
CA ARG B 532 47.22 -21.22 -13.09
C ARG B 532 47.26 -22.08 -14.35
N PHE B 533 46.59 -21.63 -15.42
CA PHE B 533 46.32 -22.48 -16.57
C PHE B 533 47.33 -22.35 -17.70
N SER B 534 48.05 -21.23 -17.81
CA SER B 534 48.82 -20.96 -19.02
C SER B 534 50.16 -20.35 -18.64
N SER B 535 50.91 -19.92 -19.66
CA SER B 535 52.11 -19.15 -19.43
C SER B 535 51.74 -17.77 -18.88
N PRO B 536 52.70 -17.05 -18.30
CA PRO B 536 52.39 -15.72 -17.76
C PRO B 536 51.85 -14.78 -18.83
N HIS B 537 50.94 -13.89 -18.41
CA HIS B 537 50.30 -12.99 -19.37
C HIS B 537 49.53 -11.89 -18.66
N PRO B 538 49.50 -10.68 -19.22
CA PRO B 538 48.55 -9.68 -18.72
C PRO B 538 47.14 -10.08 -19.12
N GLY B 539 46.17 -9.62 -18.33
CA GLY B 539 44.78 -9.89 -18.67
C GLY B 539 44.45 -9.41 -20.07
N ALA B 540 43.68 -10.22 -20.79
CA ALA B 540 43.32 -9.92 -22.17
C ALA B 540 41.80 -9.70 -22.29
N ALA B 541 41.37 -9.25 -23.46
CA ALA B 541 39.93 -9.16 -23.73
C ALA B 541 39.31 -10.55 -23.84
N ILE B 542 39.93 -11.44 -24.60
CA ILE B 542 39.45 -12.81 -24.78
C ILE B 542 40.61 -13.74 -24.49
N TYR B 543 40.34 -14.78 -23.70
CA TYR B 543 41.36 -15.70 -23.22
C TYR B 543 40.83 -17.11 -23.30
N THR B 544 41.60 -18.04 -23.87
CA THR B 544 41.26 -19.45 -23.75
C THR B 544 42.47 -20.23 -23.28
N TYR B 545 42.21 -21.23 -22.45
CA TYR B 545 43.23 -22.19 -22.04
C TYR B 545 42.81 -23.60 -22.47
N THR B 546 42.05 -23.68 -23.56
CA THR B 546 41.78 -24.94 -24.25
C THR B 546 41.90 -24.69 -25.75
N GLY B 547 42.29 -25.73 -26.48
CA GLY B 547 42.23 -25.65 -27.91
C GLY B 547 41.00 -26.28 -28.50
N ASN B 548 40.05 -26.69 -27.67
CA ASN B 548 38.86 -27.40 -28.12
C ASN B 548 37.66 -26.48 -27.96
N GLY B 549 37.27 -25.82 -29.05
CA GLY B 549 36.07 -25.00 -28.99
C GLY B 549 36.09 -23.92 -30.04
N SER B 550 34.95 -23.23 -30.11
CA SER B 550 34.75 -22.12 -31.03
C SER B 550 33.95 -21.03 -30.31
N ALA B 551 34.10 -19.80 -30.79
CA ALA B 551 33.24 -18.69 -30.38
C ALA B 551 33.21 -17.67 -31.49
N THR B 552 32.06 -17.01 -31.65
CA THR B 552 31.88 -15.99 -32.67
C THR B 552 31.52 -14.67 -32.02
N PHE B 553 32.26 -13.62 -32.38
CA PHE B 553 31.99 -12.27 -31.93
C PHE B 553 31.54 -11.42 -33.11
N ASN B 554 30.41 -10.72 -32.94
CA ASN B 554 29.96 -9.70 -33.88
C ASN B 554 29.90 -8.37 -33.15
N ASN B 555 30.46 -7.34 -33.77
CA ASN B 555 30.47 -5.98 -33.21
C ASN B 555 31.07 -5.96 -31.80
N LEU B 556 32.34 -6.32 -31.73
CA LEU B 556 33.12 -6.25 -30.49
C LEU B 556 33.88 -4.95 -30.47
N THR B 557 33.82 -4.22 -29.36
CA THR B 557 34.72 -3.09 -29.18
C THR B 557 35.61 -3.33 -27.97
N THR B 558 36.83 -2.82 -28.03
CA THR B 558 37.73 -2.93 -26.90
C THR B 558 38.43 -1.59 -26.69
N ASN B 559 38.94 -1.44 -25.47
CA ASN B 559 39.68 -0.25 -25.07
C ASN B 559 40.51 -0.63 -23.85
N ASP B 560 41.80 -0.27 -23.84
CA ASP B 560 42.59 -0.31 -22.61
C ASP B 560 42.84 -1.75 -22.15
N ILE B 561 43.19 -2.63 -23.09
CA ILE B 561 43.46 -4.02 -22.80
C ILE B 561 44.93 -4.18 -22.40
N ALA B 562 45.18 -4.76 -21.22
CA ALA B 562 46.57 -4.98 -20.78
C ALA B 562 47.36 -5.79 -21.81
N HIS B 563 46.78 -6.89 -22.31
CA HIS B 563 47.52 -7.80 -23.17
C HIS B 563 47.74 -7.19 -24.54
N PRO B 564 48.99 -6.97 -24.97
CA PRO B 564 49.23 -6.23 -26.22
C PRO B 564 48.61 -6.87 -27.43
N ASN B 565 48.35 -8.18 -27.39
CA ASN B 565 47.74 -8.88 -28.51
C ASN B 565 46.21 -8.92 -28.45
N LEU B 566 45.60 -8.32 -27.40
CA LEU B 566 44.15 -8.23 -27.21
C LEU B 566 43.49 -9.59 -26.91
N TYR B 567 43.94 -10.63 -27.59
CA TYR B 567 43.46 -11.98 -27.35
C TYR B 567 44.63 -12.85 -26.98
N PHE B 568 44.35 -13.86 -26.17
CA PHE B 568 45.37 -14.83 -25.76
C PHE B 568 44.66 -16.17 -25.90
N ILE B 569 44.80 -16.79 -27.07
CA ILE B 569 43.98 -17.92 -27.47
C ILE B 569 44.87 -19.14 -27.64
N GLN B 570 44.50 -20.24 -26.99
CA GLN B 570 45.28 -21.46 -27.13
C GLN B 570 45.10 -22.06 -28.52
N ASN B 571 46.20 -22.56 -29.07
CA ASN B 571 46.20 -23.14 -30.42
C ASN B 571 45.10 -24.20 -30.57
N GLY B 572 44.30 -24.04 -31.63
CA GLY B 572 43.20 -24.94 -31.94
C GLY B 572 41.83 -24.34 -31.71
N PHE B 573 41.72 -23.38 -30.80
CA PHE B 573 40.44 -22.74 -30.56
C PHE B 573 40.08 -21.83 -31.72
N ASN B 574 38.86 -21.97 -32.23
CA ASN B 574 38.44 -21.24 -33.42
C ASN B 574 37.64 -20.02 -32.99
N LEU B 575 38.29 -18.87 -32.99
CA LEU B 575 37.71 -17.59 -32.59
C LEU B 575 37.46 -16.75 -33.83
N THR B 576 36.20 -16.41 -34.05
CA THR B 576 35.78 -15.54 -35.14
C THR B 576 35.42 -14.18 -34.56
N ILE B 577 35.95 -13.12 -35.16
CA ILE B 577 35.63 -11.75 -34.74
C ILE B 577 35.30 -10.96 -35.98
N GLN B 578 34.06 -10.52 -36.10
CA GLN B 578 33.59 -9.87 -37.32
C GLN B 578 32.62 -8.72 -37.02
#